data_9L80
#
_entry.id   9L80
#
_cell.length_a   1.00
_cell.length_b   1.00
_cell.length_c   1.00
_cell.angle_alpha   90.00
_cell.angle_beta   90.00
_cell.angle_gamma   90.00
#
_symmetry.space_group_name_H-M   'P 1'
#
loop_
_entity.id
_entity.type
_entity.pdbx_description
1 polymer 'Guanine nucleotide-binding protein G(s) subunit alpha isoforms short'
2 polymer 'Guanine nucleotide-binding protein G(I)/G(S)/G(T) subunit beta-1'
3 polymer 'Guanine nucleotide-binding protein G(I)/G(S)/G(O) subunit gamma-2'
4 polymer NB35
5 polymer 'Glucose-dependent insulinotropic receptor'
6 polymer scFv16
7 non-polymer '(3S,8S,9S,12S)-3,12-BIS(1,1-DIMETHYLETHYL)-8-HYDROXY-4,11-DIOXO-9-(PHENYLMETHYL)-6-[[4-(2-PYRIDINYL)PHENYL]METHYL]-2,5, 6,10,13-PENTAAZATETRADECANEDIOIC ACID DIMETHYL ESTER'
#
loop_
_entity_poly.entity_id
_entity_poly.type
_entity_poly.pdbx_seq_one_letter_code
_entity_poly.pdbx_strand_id
1 'polypeptide(L)'
;GCTLSAEDKAAVERSKMIEKQLQKDKQVYRATHRLLLLGADNSGKSTIVKQMRILHGGSGGSGGTSGIFETKFQVDKVNF
HMFDVGGQRDERRKWIQCFNDVTAIIFVVDSSDYNRLQEALNDFKSIWNNRWLRTISVILFLNKQDLLAEKVLAGKSKIE
DYFPEFARYTTPEDATPEPGEDPRVTRAKYFIRDEFLRISTASGDGRHYCYPHFTCAVDTENARRIFNDCRDIIQRMHLR
QYELL
;
A
2 'polypeptide(L)'
;MHHHHHHGSLLQSELDQLRQEAEQLKNQIRDARKACADATLSQITNNIDPVGRIQMRTRRTLRGHLAKIYAMHWGTDSRL
LVSASQDGKLIIWDSYTTNKVHAIPLRSSWVMTCAYAPSGNYVACGGLDNICSIYNLKTREGNVRVSRELAGHTGYLSCC
RFLDDNQIVTSSGDTTCALWDIETGQQTTTFTGHTGDVMSLSLAPDTRLFVSGACDASAKLWDVREGMCRQTFTGHESDI
NAICFFPNGNAFATGSDDATCRLFDLRADQELMTYSHDNIICGITSVSFSKSGRLLLAGYDDFNCNVWDALKADRAGVLA
GHDNRVSCLGVTDDGMAVATGSWDSFLKIWN
;
B
3 'polypeptide(L)' MASNNTASIAQARKLVEQLKMEANIDRIKVSKAAADLMAYCEAHAKEDPLLTPVPASENPFREKKFFC G
4 'polypeptide(L)'
;QVQLQESGGGLVQPGGSLRLSCAASGFTFSNYKMNWVRQAPGKGLEWVSDISQSGASISYTGSVKGRFTISRDNAKNTLY
LQMNSLKPEDTAVYYCARCPAPFTRDCFDVTSTTYAYRGQGTQVTVSSHHHHHHEPEA
;
N
5 'polypeptide(L)'
;MKTIIALSYIFCLVFADYKDDDDAMESSFSFGVILAVLASLIIATNTLVAVAVLLLIHKNDGVSLCFTLNLAVADTLIGV
AISGLLTDQLSSPSRPTQKTLCSLRMAFVTSSAAASVLTVMLITFDRYLAIKQPFRYLKIMSGFVAGACIAGLWLVSYLI
GFLPLGIPMFQQTAYKGQCSFFAVFHPHFVLTLSCVGFFPAMLLFVFFYCDMLKIASMHSQQIRKMEHAGAMAGGYRSPR
TPSDFKALRTVSVLIGSFALSWTPFLITGIVQVACQECHLYLVLERYLWLLGVGNSLLNPLIYAYWQKEVRLQLYHMALG
VKKVLTSFLLFLSARNCGPERPRESSCHIVTISSSEFDG
;
R
6 'polypeptide(L)'
;DVQLVESGGGLVQPGGSRKLSCSASGFAFSSFGMHWVRQAPEKGLEWVAYISSGSGTIYYADTVKGRFTISRDDPKNTLF
LQMTSLRSEDTAMYYCVRSIYYYGSSPFDFWGQGTTLTVSSGGGGSGGGGSGGGGSDIVMTQATSSVPVTPGESVSISCR
SSKSLLHSNGNTYLYWFLQRPGQSPQLLIYRMSNLASGVPDRFSGSGSGTAFTLTISRLEAEDVGVYYCMQHLEYPLTFG
AGTKLELKAAAHHHHHHHH
;
S
#
# COMPACT_ATOMS: atom_id res chain seq x y z
N SER A 5 -13.85 20.38 24.41
CA SER A 5 -14.13 19.88 23.07
C SER A 5 -13.80 20.95 22.03
N ALA A 6 -13.61 22.18 22.51
CA ALA A 6 -13.28 23.29 21.63
C ALA A 6 -11.93 23.06 20.95
N GLU A 7 -11.01 22.39 21.63
CA GLU A 7 -9.71 22.06 21.05
C GLU A 7 -9.71 20.73 20.31
N ASP A 8 -10.79 19.95 20.38
CA ASP A 8 -10.86 18.70 19.66
C ASP A 8 -11.74 18.77 18.41
N LYS A 9 -12.53 19.83 18.25
CA LYS A 9 -13.24 20.01 16.99
C LYS A 9 -12.32 20.53 15.88
N ALA A 10 -11.35 21.37 16.24
CA ALA A 10 -10.40 21.88 15.25
C ALA A 10 -9.54 20.77 14.67
N ALA A 11 -9.24 19.73 15.46
CA ALA A 11 -8.51 18.59 14.93
C ALA A 11 -9.30 17.88 13.84
N VAL A 12 -10.61 17.71 14.05
CA VAL A 12 -11.46 17.10 13.02
C VAL A 12 -11.50 17.99 11.78
N GLU A 13 -11.56 19.31 11.98
CA GLU A 13 -11.52 20.22 10.84
C GLU A 13 -10.25 20.04 10.02
N ARG A 14 -9.10 19.98 10.70
CA ARG A 14 -7.83 19.82 10.01
C ARG A 14 -7.75 18.49 9.28
N SER A 15 -8.25 17.42 9.93
CA SER A 15 -8.26 16.11 9.27
C SER A 15 -9.12 16.14 8.02
N LYS A 16 -10.28 16.81 8.08
CA LYS A 16 -11.13 16.90 6.90
C LYS A 16 -10.45 17.66 5.77
N MET A 17 -9.72 18.73 6.11
CA MET A 17 -8.99 19.46 5.08
C MET A 17 -7.92 18.58 4.42
N ILE A 18 -7.18 17.81 5.23
CA ILE A 18 -6.16 16.93 4.67
C ILE A 18 -6.79 15.88 3.76
N GLU A 19 -7.93 15.31 4.18
CA GLU A 19 -8.61 14.33 3.35
C GLU A 19 -9.08 14.94 2.04
N LYS A 20 -9.60 16.17 2.07
CA LYS A 20 -10.02 16.82 0.84
C LYS A 20 -8.84 17.11 -0.09
N GLN A 21 -7.64 17.32 0.47
CA GLN A 21 -6.46 17.47 -0.39
C GLN A 21 -6.07 16.14 -1.03
N LEU A 22 -6.10 15.05 -0.25
CA LEU A 22 -5.82 13.74 -0.82
C LEU A 22 -6.80 13.37 -1.92
N GLN A 23 -8.05 13.80 -1.78
CA GLN A 23 -9.05 13.55 -2.82
C GLN A 23 -8.65 14.22 -4.13
N LYS A 24 -8.12 15.44 -4.06
CA LYS A 24 -7.60 16.10 -5.27
C LYS A 24 -6.41 15.34 -5.83
N ASP A 25 -5.53 14.84 -4.96
CA ASP A 25 -4.33 14.17 -5.42
C ASP A 25 -4.65 12.88 -6.17
N LYS A 26 -5.71 12.18 -5.75
CA LYS A 26 -6.03 10.88 -6.35
C LYS A 26 -6.33 11.01 -7.85
N GLN A 27 -7.06 12.06 -8.24
CA GLN A 27 -7.44 12.24 -9.64
C GLN A 27 -6.21 12.43 -10.53
N VAL A 28 -5.22 13.20 -10.05
CA VAL A 28 -3.99 13.36 -10.81
C VAL A 28 -3.22 12.05 -10.86
N TYR A 29 -3.21 11.30 -9.74
CA TYR A 29 -2.46 10.04 -9.71
C TYR A 29 -3.03 9.03 -10.71
N ARG A 30 -4.35 8.94 -10.80
CA ARG A 30 -4.99 7.83 -11.50
C ARG A 30 -4.97 7.96 -13.03
N ALA A 31 -4.61 9.13 -13.56
CA ALA A 31 -4.71 9.40 -14.98
C ALA A 31 -3.37 9.33 -15.72
N THR A 32 -2.38 8.63 -15.14
CA THR A 32 -1.06 8.52 -15.74
C THR A 32 -0.68 7.05 -15.85
N HIS A 33 -0.06 6.68 -16.97
CA HIS A 33 0.37 5.32 -17.23
C HIS A 33 1.87 5.19 -17.05
N ARG A 34 2.29 4.16 -16.34
CA ARG A 34 3.70 3.90 -16.07
C ARG A 34 4.19 2.72 -16.90
N LEU A 35 5.46 2.76 -17.28
CA LEU A 35 6.09 1.72 -18.07
C LEU A 35 7.46 1.38 -17.47
N LEU A 36 7.86 0.12 -17.63
CA LEU A 36 9.15 -0.36 -17.16
C LEU A 36 9.96 -0.84 -18.35
N LEU A 37 11.22 -0.42 -18.41
CA LEU A 37 12.11 -0.70 -19.53
C LEU A 37 13.20 -1.68 -19.08
N LEU A 38 13.29 -2.81 -19.78
CA LEU A 38 14.28 -3.84 -19.48
C LEU A 38 15.12 -4.12 -20.72
N GLY A 39 16.10 -4.99 -20.56
CA GLY A 39 17.00 -5.34 -21.64
C GLY A 39 18.38 -5.62 -21.09
N ALA A 40 19.32 -5.78 -22.02
CA ALA A 40 20.72 -6.06 -21.69
C ALA A 40 21.61 -5.09 -22.43
N ASP A 41 22.91 -5.20 -22.19
CA ASP A 41 23.88 -4.35 -22.88
C ASP A 41 23.95 -4.71 -24.36
N ASN A 42 24.75 -3.94 -25.10
CA ASN A 42 24.92 -4.07 -26.54
C ASN A 42 23.60 -4.31 -27.27
N SER A 43 22.55 -3.60 -26.85
CA SER A 43 21.22 -3.74 -27.44
C SER A 43 20.64 -2.43 -27.95
N GLY A 44 21.32 -1.31 -27.76
CA GLY A 44 20.78 -0.04 -28.21
C GLY A 44 19.59 0.43 -27.42
N LYS A 45 19.47 0.00 -26.15
CA LYS A 45 18.33 0.39 -25.34
C LYS A 45 18.31 1.90 -25.09
N SER A 46 19.48 2.48 -24.81
CA SER A 46 19.54 3.90 -24.54
C SER A 46 19.25 4.75 -25.78
N THR A 47 19.56 4.22 -26.96
CA THR A 47 19.31 4.97 -28.19
C THR A 47 17.82 5.21 -28.41
N ILE A 48 16.99 4.21 -28.10
CA ILE A 48 15.55 4.37 -28.24
C ILE A 48 15.04 5.48 -27.35
N VAL A 49 15.54 5.55 -26.12
CA VAL A 49 15.17 6.62 -25.20
C VAL A 49 16.16 7.77 -25.31
N GLY A 67 20.41 5.61 -8.78
CA GLY A 67 20.11 4.25 -9.18
C GLY A 67 18.76 4.11 -9.85
N ILE A 68 18.23 5.22 -10.35
CA ILE A 68 16.94 5.27 -11.02
C ILE A 68 16.97 6.38 -12.05
N PHE A 69 16.43 6.09 -13.24
CA PHE A 69 16.30 7.07 -14.31
C PHE A 69 14.83 7.46 -14.47
N GLU A 70 14.59 8.39 -15.39
CA GLU A 70 13.24 8.89 -15.61
C GLU A 70 13.16 9.50 -17.00
N THR A 71 11.98 9.41 -17.61
CA THR A 71 11.74 9.99 -18.93
C THR A 71 10.24 10.17 -19.11
N LYS A 72 9.82 11.39 -19.39
CA LYS A 72 8.41 11.72 -19.58
C LYS A 72 8.20 12.20 -21.00
N PHE A 73 7.26 11.56 -21.70
CA PHE A 73 6.85 11.98 -23.04
C PHE A 73 5.34 11.96 -23.12
N GLN A 74 4.79 12.76 -24.04
CA GLN A 74 3.36 12.95 -24.16
C GLN A 74 2.93 12.76 -25.60
N VAL A 75 1.84 12.00 -25.79
CA VAL A 75 1.28 11.77 -27.11
C VAL A 75 -0.22 12.05 -27.04
N ASP A 76 -0.70 12.96 -27.87
CA ASP A 76 -2.12 13.30 -27.97
C ASP A 76 -2.72 13.66 -26.60
N LYS A 77 -1.98 14.51 -25.87
CA LYS A 77 -2.41 14.98 -24.55
C LYS A 77 -2.62 13.83 -23.57
N VAL A 78 -1.76 12.81 -23.66
CA VAL A 78 -1.73 11.70 -22.72
C VAL A 78 -0.31 11.57 -22.19
N ASN A 79 -0.18 11.35 -20.89
CA ASN A 79 1.13 11.35 -20.23
C ASN A 79 1.59 9.92 -19.97
N PHE A 80 2.86 9.66 -20.25
CA PHE A 80 3.49 8.36 -20.02
C PHE A 80 4.74 8.55 -19.16
N HIS A 81 5.01 7.58 -18.29
CA HIS A 81 6.19 7.57 -17.45
C HIS A 81 6.99 6.30 -17.73
N MET A 82 8.31 6.45 -17.84
CA MET A 82 9.19 5.32 -18.17
C MET A 82 10.39 5.32 -17.24
N PHE A 83 10.68 4.16 -16.66
CA PHE A 83 11.76 4.01 -15.70
C PHE A 83 12.83 3.08 -16.24
N ASP A 84 14.07 3.34 -15.85
CA ASP A 84 15.21 2.48 -16.19
C ASP A 84 16.07 2.29 -14.95
N VAL A 85 16.42 1.05 -14.65
CA VAL A 85 17.21 0.70 -13.47
C VAL A 85 18.59 0.28 -13.94
N GLY A 86 19.62 1.00 -13.47
CA GLY A 86 20.98 0.66 -13.82
C GLY A 86 21.98 0.92 -12.71
N GLY A 87 21.49 1.04 -11.48
CA GLY A 87 22.34 1.32 -10.34
C GLY A 87 22.51 0.21 -9.32
N GLN A 88 22.09 -1.00 -9.63
CA GLN A 88 22.15 -2.12 -8.69
C GLN A 88 23.04 -3.23 -9.26
N ARG A 89 23.10 -4.34 -8.52
CA ARG A 89 23.90 -5.49 -8.92
C ARG A 89 23.12 -6.33 -9.93
N ASP A 90 23.60 -7.55 -10.19
CA ASP A 90 23.00 -8.45 -11.16
C ASP A 90 22.00 -9.42 -10.54
N GLU A 91 21.66 -9.23 -9.26
CA GLU A 91 20.67 -10.05 -8.58
C GLU A 91 19.36 -9.28 -8.55
N ARG A 92 18.37 -9.77 -9.31
CA ARG A 92 17.12 -9.06 -9.50
C ARG A 92 15.91 -9.88 -9.10
N ARG A 93 16.05 -10.74 -8.08
CA ARG A 93 14.92 -11.52 -7.61
C ARG A 93 14.28 -10.92 -6.35
N LYS A 94 14.76 -9.76 -5.89
CA LYS A 94 14.23 -9.13 -4.69
C LYS A 94 13.59 -7.78 -4.96
N TRP A 95 14.23 -6.93 -5.77
CA TRP A 95 13.67 -5.62 -6.07
C TRP A 95 12.73 -5.64 -7.27
N ILE A 96 12.51 -6.79 -7.89
CA ILE A 96 11.61 -6.88 -9.04
C ILE A 96 10.15 -7.05 -8.62
N GLN A 97 9.88 -7.28 -7.34
CA GLN A 97 8.52 -7.41 -6.87
C GLN A 97 7.81 -6.07 -6.73
N CYS A 98 8.55 -4.96 -6.75
CA CYS A 98 7.93 -3.64 -6.65
C CYS A 98 7.07 -3.35 -7.88
N PHE A 99 7.54 -3.73 -9.07
CA PHE A 99 6.85 -3.42 -10.31
C PHE A 99 5.83 -4.52 -10.65
N ASN A 100 4.87 -4.69 -9.75
CA ASN A 100 3.81 -5.67 -9.95
C ASN A 100 2.46 -5.03 -10.30
N ASP A 101 2.43 -3.71 -10.51
CA ASP A 101 1.19 -3.04 -10.88
C ASP A 101 1.42 -2.00 -11.99
N VAL A 102 2.47 -2.20 -12.81
CA VAL A 102 2.74 -1.32 -13.93
C VAL A 102 1.82 -1.69 -15.08
N THR A 103 1.72 -0.82 -16.09
CA THR A 103 0.85 -1.08 -17.23
C THR A 103 1.41 -2.19 -18.11
N ALA A 104 2.70 -2.13 -18.43
CA ALA A 104 3.32 -3.10 -19.33
C ALA A 104 4.82 -3.08 -19.09
N ILE A 105 5.49 -4.06 -19.71
CA ILE A 105 6.94 -4.20 -19.64
C ILE A 105 7.49 -4.19 -21.05
N ILE A 106 8.52 -3.37 -21.28
CA ILE A 106 9.16 -3.25 -22.59
C ILE A 106 10.43 -4.07 -22.57
N PHE A 107 10.56 -4.99 -23.53
CA PHE A 107 11.71 -5.87 -23.64
C PHE A 107 12.45 -5.56 -24.94
N VAL A 108 13.76 -5.36 -24.83
CA VAL A 108 14.60 -4.99 -25.98
C VAL A 108 15.66 -6.07 -26.16
N VAL A 109 15.75 -6.60 -27.38
CA VAL A 109 16.75 -7.60 -27.72
C VAL A 109 17.47 -7.15 -28.99
N ASP A 110 18.68 -7.69 -29.17
CA ASP A 110 19.50 -7.42 -30.35
C ASP A 110 19.49 -8.67 -31.23
N SER A 111 18.75 -8.61 -32.33
CA SER A 111 18.62 -9.75 -33.23
C SER A 111 19.64 -9.70 -34.35
N SER A 112 20.92 -9.55 -34.00
CA SER A 112 21.98 -9.57 -34.99
C SER A 112 23.22 -10.34 -34.54
N ASP A 113 23.20 -10.94 -33.35
CA ASP A 113 24.32 -11.75 -32.86
C ASP A 113 23.78 -13.09 -32.41
N TYR A 114 24.32 -14.17 -32.98
CA TYR A 114 23.81 -15.50 -32.71
C TYR A 114 24.41 -16.13 -31.46
N ASN A 115 25.46 -15.53 -30.90
CA ASN A 115 26.13 -16.12 -29.74
C ASN A 115 25.39 -15.83 -28.44
N ARG A 116 24.48 -14.86 -28.43
CA ARG A 116 23.82 -14.42 -27.20
C ARG A 116 22.29 -14.44 -27.32
N LEU A 117 21.73 -15.41 -28.04
CA LEU A 117 20.28 -15.51 -28.16
C LEU A 117 19.68 -16.38 -27.05
N GLN A 118 20.40 -17.43 -26.64
CA GLN A 118 19.88 -18.30 -25.59
C GLN A 118 19.73 -17.57 -24.27
N GLU A 119 20.64 -16.64 -23.96
CA GLU A 119 20.50 -15.84 -22.74
C GLU A 119 19.23 -14.99 -22.79
N ALA A 120 18.97 -14.33 -23.92
CA ALA A 120 17.76 -13.54 -24.03
C ALA A 120 16.53 -14.41 -23.87
N LEU A 121 16.54 -15.60 -24.48
CA LEU A 121 15.41 -16.51 -24.33
C LEU A 121 15.22 -16.93 -22.88
N ASN A 122 16.32 -17.19 -22.17
CA ASN A 122 16.23 -17.65 -20.79
C ASN A 122 15.67 -16.57 -19.87
N ASP A 123 16.16 -15.33 -19.99
CA ASP A 123 15.57 -14.24 -19.20
C ASP A 123 14.12 -13.98 -19.57
N PHE A 124 13.77 -14.09 -20.86
CA PHE A 124 12.37 -13.93 -21.22
C PHE A 124 11.50 -14.98 -20.55
N LYS A 125 11.94 -16.24 -20.56
CA LYS A 125 11.17 -17.31 -19.92
C LYS A 125 11.06 -17.07 -18.41
N SER A 126 12.17 -16.67 -17.78
CA SER A 126 12.15 -16.45 -16.33
C SER A 126 11.20 -15.33 -15.96
N ILE A 127 11.18 -14.25 -16.75
CA ILE A 127 10.25 -13.16 -16.47
C ILE A 127 8.81 -13.59 -16.72
N TRP A 128 8.57 -14.33 -17.79
CA TRP A 128 7.21 -14.72 -18.14
C TRP A 128 6.61 -15.67 -17.10
N ASN A 129 7.41 -16.60 -16.59
CA ASN A 129 6.90 -17.65 -15.72
C ASN A 129 6.93 -17.29 -14.24
N ASN A 130 7.03 -16.00 -13.91
CA ASN A 130 7.06 -15.60 -12.51
C ASN A 130 5.67 -15.76 -11.88
N ARG A 131 5.62 -15.57 -10.56
CA ARG A 131 4.39 -15.75 -9.80
C ARG A 131 3.72 -14.43 -9.42
N TRP A 132 4.50 -13.37 -9.23
CA TRP A 132 3.96 -12.06 -8.92
C TRP A 132 3.72 -11.20 -10.15
N LEU A 133 4.13 -11.67 -11.32
CA LEU A 133 3.95 -10.96 -12.58
C LEU A 133 3.13 -11.78 -13.56
N ARG A 134 2.03 -12.36 -13.07
CA ARG A 134 1.19 -13.25 -13.87
C ARG A 134 0.02 -12.53 -14.51
N THR A 135 -0.03 -11.20 -14.43
CA THR A 135 -1.09 -10.43 -15.09
C THR A 135 -0.52 -9.19 -15.78
N ILE A 136 0.71 -9.27 -16.27
CA ILE A 136 1.40 -8.14 -16.90
C ILE A 136 1.75 -8.54 -18.33
N SER A 137 1.43 -7.68 -19.28
CA SER A 137 1.72 -7.93 -20.69
C SER A 137 3.11 -7.41 -21.05
N VAL A 138 3.61 -7.87 -22.19
CA VAL A 138 4.97 -7.59 -22.63
C VAL A 138 4.92 -7.02 -24.04
N ILE A 139 5.66 -5.94 -24.27
CA ILE A 139 5.84 -5.36 -25.60
C ILE A 139 7.27 -5.64 -26.04
N LEU A 140 7.43 -6.37 -27.14
CA LEU A 140 8.73 -6.88 -27.55
C LEU A 140 9.25 -6.09 -28.75
N PHE A 141 10.50 -5.63 -28.64
CA PHE A 141 11.17 -4.91 -29.70
C PHE A 141 12.37 -5.72 -30.19
N LEU A 142 12.41 -5.98 -31.49
CA LEU A 142 13.53 -6.70 -32.11
C LEU A 142 14.42 -5.67 -32.79
N ASN A 143 15.33 -5.08 -32.01
CA ASN A 143 16.16 -3.98 -32.46
C ASN A 143 17.23 -4.46 -33.43
N LYS A 144 17.82 -3.49 -34.14
CA LYS A 144 18.95 -3.72 -35.05
C LYS A 144 18.58 -4.71 -36.15
N GLN A 145 17.62 -4.31 -36.97
CA GLN A 145 17.15 -5.14 -38.07
C GLN A 145 17.93 -4.92 -39.37
N ASP A 146 18.88 -4.00 -39.39
CA ASP A 146 19.64 -3.71 -40.59
C ASP A 146 20.95 -4.49 -40.69
N LEU A 147 21.61 -4.76 -39.56
CA LEU A 147 22.86 -5.51 -39.61
C LEU A 147 22.62 -6.98 -39.97
N LEU A 148 21.47 -7.53 -39.58
CA LEU A 148 21.18 -8.93 -39.88
C LEU A 148 21.11 -9.17 -41.38
N ALA A 149 20.46 -8.27 -42.11
CA ALA A 149 20.34 -8.42 -43.56
C ALA A 149 21.72 -8.40 -44.22
N GLU A 150 22.59 -7.48 -43.80
CA GLU A 150 23.94 -7.44 -44.35
C GLU A 150 24.72 -8.71 -44.01
N LYS A 151 24.57 -9.20 -42.79
CA LYS A 151 25.27 -10.42 -42.39
C LYS A 151 24.83 -11.61 -43.23
N VAL A 152 23.52 -11.75 -43.47
CA VAL A 152 23.05 -12.87 -44.27
C VAL A 152 23.46 -12.71 -45.73
N LEU A 153 23.39 -11.49 -46.26
CA LEU A 153 23.70 -11.27 -47.66
C LEU A 153 25.17 -11.53 -47.96
N ALA A 154 26.07 -10.97 -47.13
CA ALA A 154 27.49 -11.21 -47.34
C ALA A 154 27.82 -12.68 -47.15
N GLY A 155 27.67 -13.18 -45.93
CA GLY A 155 27.81 -14.60 -45.65
C GLY A 155 29.15 -14.97 -45.05
N LYS A 156 29.19 -15.10 -43.72
CA LYS A 156 30.39 -15.60 -43.04
C LYS A 156 30.08 -16.57 -41.91
N SER A 157 28.84 -16.65 -41.43
CA SER A 157 28.45 -17.58 -40.37
C SER A 157 27.06 -18.11 -40.68
N LYS A 158 26.81 -19.34 -40.22
CA LYS A 158 25.54 -20.01 -40.44
C LYS A 158 24.71 -19.97 -39.16
N ILE A 159 23.49 -20.52 -39.25
CA ILE A 159 22.58 -20.56 -38.13
C ILE A 159 22.27 -21.98 -37.69
N GLU A 160 22.30 -22.96 -38.59
CA GLU A 160 22.02 -24.34 -38.21
C GLU A 160 23.11 -24.91 -37.31
N ASP A 161 24.29 -24.27 -37.27
CA ASP A 161 25.32 -24.70 -36.35
C ASP A 161 24.94 -24.38 -34.90
N TYR A 162 24.22 -23.28 -34.68
CA TYR A 162 23.77 -22.95 -33.33
C TYR A 162 22.39 -23.55 -33.05
N PHE A 163 21.46 -23.45 -34.00
CA PHE A 163 20.12 -23.98 -33.86
C PHE A 163 19.90 -25.07 -34.91
N PRO A 164 19.97 -26.35 -34.55
CA PRO A 164 19.84 -27.42 -35.55
C PRO A 164 18.47 -27.44 -36.23
N GLU A 165 17.44 -26.85 -35.64
CA GLU A 165 16.10 -26.89 -36.19
C GLU A 165 15.90 -25.98 -37.39
N PHE A 166 16.88 -25.12 -37.71
CA PHE A 166 16.72 -24.17 -38.81
C PHE A 166 16.70 -24.84 -40.18
N ALA A 167 17.07 -26.11 -40.28
CA ALA A 167 17.13 -26.79 -41.57
C ALA A 167 15.78 -27.32 -42.03
N ARG A 168 14.73 -27.16 -41.24
CA ARG A 168 13.40 -27.65 -41.59
C ARG A 168 12.34 -26.59 -41.31
N TYR A 169 12.60 -25.35 -41.71
CA TYR A 169 11.69 -24.24 -41.48
C TYR A 169 11.18 -23.69 -42.79
N THR A 170 9.87 -23.43 -42.86
CA THR A 170 9.24 -22.86 -44.03
C THR A 170 8.50 -21.58 -43.64
N THR A 171 8.55 -20.60 -44.53
CA THR A 171 7.92 -19.31 -44.27
C THR A 171 6.40 -19.47 -44.20
N PRO A 172 5.74 -19.00 -43.15
CA PRO A 172 4.28 -19.14 -43.07
C PRO A 172 3.58 -18.25 -44.07
N GLU A 173 2.34 -18.64 -44.40
CA GLU A 173 1.56 -17.90 -45.39
C GLU A 173 1.19 -16.50 -44.93
N ASP A 174 1.31 -16.20 -43.64
CA ASP A 174 0.97 -14.89 -43.12
C ASP A 174 2.09 -13.87 -43.28
N ALA A 175 3.18 -14.25 -43.95
CA ALA A 175 4.31 -13.34 -44.11
C ALA A 175 3.95 -12.14 -44.97
N THR A 176 4.54 -11.00 -44.62
CA THR A 176 4.38 -9.75 -45.39
C THR A 176 5.77 -9.17 -45.63
N PRO A 177 6.50 -9.69 -46.61
CA PRO A 177 7.87 -9.24 -46.83
C PRO A 177 7.93 -7.79 -47.28
N GLU A 178 9.02 -7.12 -46.91
CA GLU A 178 9.23 -5.75 -47.34
C GLU A 178 9.44 -5.69 -48.85
N PRO A 179 9.08 -4.58 -49.50
CA PRO A 179 9.20 -4.50 -50.96
C PRO A 179 10.65 -4.53 -51.43
N GLY A 180 11.01 -5.57 -52.17
CA GLY A 180 12.34 -5.68 -52.73
C GLY A 180 13.38 -6.20 -51.77
N GLU A 181 13.12 -7.38 -51.18
CA GLU A 181 14.05 -7.99 -50.24
C GLU A 181 14.15 -9.47 -50.52
N ASP A 182 15.28 -10.05 -50.14
CA ASP A 182 15.51 -11.48 -50.32
C ASP A 182 14.61 -12.28 -49.39
N PRO A 183 14.16 -13.47 -49.83
CA PRO A 183 13.32 -14.29 -48.93
C PRO A 183 14.10 -14.96 -47.81
N ARG A 184 15.42 -15.12 -47.97
CA ARG A 184 16.23 -15.71 -46.90
C ARG A 184 16.20 -14.84 -45.65
N VAL A 185 16.28 -13.52 -45.82
CA VAL A 185 16.20 -12.62 -44.67
C VAL A 185 14.83 -12.73 -44.01
N THR A 186 13.78 -12.87 -44.81
CA THR A 186 12.43 -13.04 -44.26
C THR A 186 12.34 -14.32 -43.43
N ARG A 187 12.89 -15.42 -43.96
CA ARG A 187 12.90 -16.67 -43.22
C ARG A 187 13.66 -16.54 -41.91
N ALA A 188 14.83 -15.89 -41.95
CA ALA A 188 15.62 -15.70 -40.74
C ALA A 188 14.87 -14.87 -39.71
N LYS A 189 14.21 -13.80 -40.15
CA LYS A 189 13.47 -12.95 -39.22
C LYS A 189 12.32 -13.72 -38.58
N TYR A 190 11.55 -14.46 -39.39
CA TYR A 190 10.37 -15.12 -38.84
C TYR A 190 10.73 -16.31 -37.98
N PHE A 191 11.88 -16.98 -38.25
CA PHE A 191 12.33 -18.02 -37.33
C PHE A 191 12.64 -17.44 -35.95
N ILE A 192 13.31 -16.30 -35.90
CA ILE A 192 13.64 -15.68 -34.63
C ILE A 192 12.39 -15.22 -33.91
N ARG A 193 11.41 -14.69 -34.64
CA ARG A 193 10.16 -14.30 -34.00
C ARG A 193 9.40 -15.52 -33.46
N ASP A 194 9.37 -16.61 -34.22
CA ASP A 194 8.68 -17.81 -33.78
C ASP A 194 9.35 -18.44 -32.57
N GLU A 195 10.66 -18.25 -32.44
CA GLU A 195 11.36 -18.76 -31.26
C GLU A 195 10.78 -18.17 -29.97
N PHE A 196 10.52 -16.87 -29.96
CA PHE A 196 9.90 -16.24 -28.79
C PHE A 196 8.42 -16.58 -28.69
N LEU A 197 7.73 -16.63 -29.83
CA LEU A 197 6.29 -16.91 -29.78
C LEU A 197 6.00 -18.31 -29.25
N ARG A 198 6.89 -19.26 -29.48
CA ARG A 198 6.69 -20.62 -28.96
C ARG A 198 6.60 -20.62 -27.44
N ILE A 199 7.50 -19.88 -26.78
CA ILE A 199 7.43 -19.77 -25.33
C ILE A 199 6.23 -18.92 -24.91
N SER A 200 5.94 -17.86 -25.67
CA SER A 200 4.88 -16.94 -25.26
C SER A 200 3.51 -17.63 -25.25
N THR A 201 3.21 -18.45 -26.25
CA THR A 201 1.89 -19.04 -26.38
C THR A 201 1.79 -20.44 -25.79
N ALA A 202 2.66 -20.79 -24.83
CA ALA A 202 2.63 -22.12 -24.25
C ALA A 202 2.07 -22.15 -22.83
N SER A 203 2.17 -21.06 -22.08
CA SER A 203 1.74 -21.05 -20.68
C SER A 203 0.78 -19.90 -20.39
N GLY A 204 0.06 -19.43 -21.41
CA GLY A 204 -0.89 -18.35 -21.21
C GLY A 204 -2.30 -18.85 -20.93
N ASP A 205 -2.87 -18.41 -19.81
CA ASP A 205 -4.21 -18.80 -19.43
C ASP A 205 -5.27 -17.82 -19.91
N GLY A 206 -4.88 -16.81 -20.68
CA GLY A 206 -5.81 -15.80 -21.16
C GLY A 206 -5.79 -14.50 -20.40
N ARG A 207 -4.75 -14.24 -19.59
CA ARG A 207 -4.69 -13.03 -18.80
C ARG A 207 -3.65 -12.03 -19.28
N HIS A 208 -2.69 -12.45 -20.11
CA HIS A 208 -1.72 -11.52 -20.68
C HIS A 208 -1.24 -12.08 -22.01
N TYR A 209 -0.74 -11.18 -22.85
CA TYR A 209 -0.31 -11.55 -24.20
C TYR A 209 1.04 -10.93 -24.54
N CYS A 210 1.49 -11.13 -25.78
CA CYS A 210 2.76 -10.60 -26.25
C CYS A 210 2.56 -9.92 -27.60
N TYR A 211 3.21 -8.77 -27.78
CA TYR A 211 3.07 -7.97 -29.00
C TYR A 211 4.41 -7.84 -29.70
N PRO A 212 4.68 -8.63 -30.72
CA PRO A 212 5.97 -8.51 -31.44
C PRO A 212 6.03 -7.25 -32.27
N HIS A 213 7.25 -6.80 -32.54
CA HIS A 213 7.48 -5.64 -33.38
C HIS A 213 8.85 -5.76 -34.05
N PHE A 214 9.00 -5.05 -35.17
CA PHE A 214 10.27 -4.98 -35.89
C PHE A 214 10.74 -3.53 -35.88
N THR A 215 11.95 -3.31 -35.37
CA THR A 215 12.45 -1.96 -35.12
C THR A 215 13.81 -1.79 -35.77
N CYS A 216 14.02 -0.63 -36.42
CA CYS A 216 15.30 -0.27 -36.99
C CYS A 216 15.99 0.75 -36.09
N ALA A 217 17.23 1.09 -36.44
CA ALA A 217 18.02 2.01 -35.64
C ALA A 217 17.72 3.47 -35.92
N VAL A 218 16.97 3.78 -36.98
CA VAL A 218 16.66 5.16 -37.35
C VAL A 218 15.17 5.41 -37.45
N ASP A 219 14.35 4.49 -36.93
CA ASP A 219 12.90 4.66 -37.00
C ASP A 219 12.46 5.86 -36.17
N THR A 220 11.41 6.53 -36.62
CA THR A 220 10.88 7.72 -35.96
C THR A 220 9.53 7.50 -35.31
N GLU A 221 8.83 6.43 -35.66
CA GLU A 221 7.50 6.13 -35.12
C GLU A 221 7.65 5.01 -34.09
N ASN A 222 7.88 5.39 -32.84
CA ASN A 222 8.00 4.43 -31.75
C ASN A 222 7.04 4.67 -30.60
N ALA A 223 6.58 5.91 -30.40
CA ALA A 223 5.60 6.18 -29.37
C ALA A 223 4.19 5.75 -29.77
N ARG A 224 3.88 5.83 -31.08
CA ARG A 224 2.55 5.44 -31.54
C ARG A 224 2.29 3.95 -31.32
N ARG A 225 3.33 3.12 -31.46
CA ARG A 225 3.17 1.69 -31.23
C ARG A 225 2.81 1.41 -29.77
N ILE A 226 3.50 2.07 -28.83
CA ILE A 226 3.17 1.91 -27.41
C ILE A 226 1.77 2.42 -27.12
N PHE A 227 1.41 3.55 -27.73
CA PHE A 227 0.05 4.09 -27.57
C PHE A 227 -1.00 3.06 -27.99
N ASN A 228 -0.85 2.51 -29.20
CA ASN A 228 -1.82 1.54 -29.69
C ASN A 228 -1.84 0.28 -28.84
N ASP A 229 -0.67 -0.19 -28.39
CA ASP A 229 -0.63 -1.40 -27.58
C ASP A 229 -1.30 -1.20 -26.23
N CYS A 230 -1.10 -0.04 -25.60
CA CYS A 230 -1.80 0.24 -24.35
C CYS A 230 -3.31 0.32 -24.56
N ARG A 231 -3.74 0.96 -25.66
CA ARG A 231 -5.18 1.01 -25.95
C ARG A 231 -5.75 -0.39 -26.11
N ASP A 232 -5.04 -1.26 -26.85
CA ASP A 232 -5.52 -2.63 -27.05
C ASP A 232 -5.56 -3.41 -25.74
N ILE A 233 -4.55 -3.21 -24.89
CA ILE A 233 -4.52 -3.91 -23.60
C ILE A 233 -5.75 -3.52 -22.77
N ILE A 234 -6.03 -2.22 -22.68
CA ILE A 234 -7.16 -1.77 -21.88
C ILE A 234 -8.48 -2.29 -22.47
N GLN A 235 -8.62 -2.22 -23.79
CA GLN A 235 -9.86 -2.69 -24.42
C GLN A 235 -10.09 -4.18 -24.17
N ARG A 236 -9.03 -4.99 -24.31
CA ARG A 236 -9.17 -6.42 -24.08
C ARG A 236 -9.51 -6.72 -22.62
N MET A 237 -8.84 -6.02 -21.69
CA MET A 237 -9.14 -6.24 -20.28
C MET A 237 -10.59 -5.92 -19.97
N HIS A 238 -11.10 -4.82 -20.51
CA HIS A 238 -12.50 -4.47 -20.25
C HIS A 238 -13.46 -5.46 -20.90
N LEU A 239 -13.18 -5.87 -22.14
CA LEU A 239 -14.08 -6.80 -22.83
C LEU A 239 -14.12 -8.16 -22.16
N ARG A 240 -13.04 -8.58 -21.51
CA ARG A 240 -12.99 -9.93 -20.96
C ARG A 240 -14.04 -10.16 -19.88
N GLN A 241 -14.26 -9.17 -19.02
CA GLN A 241 -15.04 -9.40 -17.80
C GLN A 241 -16.54 -9.25 -17.98
N TYR A 242 -17.01 -8.88 -19.17
CA TYR A 242 -18.45 -8.81 -19.44
C TYR A 242 -18.97 -10.07 -20.12
N GLU A 243 -18.23 -11.17 -20.05
CA GLU A 243 -18.55 -12.43 -20.71
C GLU A 243 -18.68 -12.26 -22.22
N LEU A 244 -18.07 -11.22 -22.78
CA LEU A 244 -18.08 -10.98 -24.22
C LEU A 244 -16.83 -11.49 -24.92
N LEU A 245 -15.83 -11.94 -24.17
CA LEU A 245 -14.59 -12.43 -24.78
C LEU A 245 -14.02 -13.58 -23.98
N ASP B 16 44.87 -24.44 -1.45
CA ASP B 16 44.95 -25.89 -1.28
C ASP B 16 44.82 -26.26 0.20
N GLN B 17 45.82 -25.86 0.99
CA GLN B 17 45.80 -26.17 2.42
C GLN B 17 44.71 -25.39 3.15
N LEU B 18 44.27 -24.27 2.58
CA LEU B 18 43.26 -23.44 3.23
C LEU B 18 41.95 -24.19 3.38
N ARG B 19 41.54 -24.91 2.34
CA ARG B 19 40.28 -25.66 2.41
C ARG B 19 40.38 -26.80 3.42
N GLN B 20 41.55 -27.45 3.51
CA GLN B 20 41.73 -28.51 4.49
C GLN B 20 41.67 -27.96 5.91
N GLU B 21 42.32 -26.82 6.16
CA GLU B 21 42.26 -26.20 7.48
C GLU B 21 40.84 -25.79 7.82
N ALA B 22 40.11 -25.23 6.84
CA ALA B 22 38.73 -24.84 7.07
C ALA B 22 37.87 -26.06 7.41
N GLU B 23 38.05 -27.17 6.70
CA GLU B 23 37.29 -28.38 7.00
C GLU B 23 37.60 -28.90 8.39
N GLN B 24 38.88 -28.92 8.78
CA GLN B 24 39.24 -29.37 10.11
C GLN B 24 38.64 -28.47 11.19
N LEU B 25 38.69 -27.16 10.99
CA LEU B 25 38.12 -26.23 11.96
C LEU B 25 36.62 -26.41 12.07
N LYS B 26 35.94 -26.59 10.94
CA LYS B 26 34.50 -26.80 10.97
C LYS B 26 34.14 -28.09 11.69
N ASN B 27 34.91 -29.16 11.45
CA ASN B 27 34.67 -30.42 12.16
C ASN B 27 34.86 -30.26 13.66
N GLN B 28 35.92 -29.56 14.08
CA GLN B 28 36.16 -29.34 15.50
C GLN B 28 35.03 -28.52 16.12
N ILE B 29 34.58 -27.47 15.42
CA ILE B 29 33.51 -26.62 15.93
C ILE B 29 32.22 -27.42 16.07
N ARG B 30 31.89 -28.23 15.07
CA ARG B 30 30.66 -29.01 15.15
C ARG B 30 30.73 -30.06 16.26
N ASP B 31 31.90 -30.67 16.46
CA ASP B 31 32.05 -31.62 17.55
C ASP B 31 31.88 -30.94 18.90
N ALA B 32 32.49 -29.77 19.07
CA ALA B 32 32.35 -29.05 20.34
C ALA B 32 30.90 -28.63 20.57
N ARG B 33 30.22 -28.18 19.51
CA ARG B 33 28.84 -27.73 19.66
C ARG B 33 27.90 -28.88 20.00
N LYS B 34 28.11 -30.05 19.37
CA LYS B 34 27.25 -31.20 19.61
C LYS B 34 27.64 -31.98 20.85
N ALA B 35 28.79 -31.68 21.46
CA ALA B 35 29.25 -32.39 22.64
C ALA B 35 28.65 -31.86 23.93
N CYS B 36 27.82 -30.81 23.87
CA CYS B 36 27.26 -30.18 25.06
C CYS B 36 25.73 -30.18 25.07
N ALA B 37 25.11 -31.08 24.31
CA ALA B 37 23.65 -31.18 24.24
C ALA B 37 23.21 -32.40 25.04
N ASP B 38 22.50 -32.15 26.13
CA ASP B 38 22.03 -33.23 27.00
C ASP B 38 20.55 -33.52 26.80
N ALA B 39 19.70 -32.49 26.91
CA ALA B 39 18.26 -32.64 26.77
C ALA B 39 17.76 -31.56 25.82
N THR B 40 16.44 -31.47 25.69
CA THR B 40 15.79 -30.52 24.79
C THR B 40 14.76 -29.71 25.56
N LEU B 41 14.35 -28.58 24.95
CA LEU B 41 13.37 -27.71 25.59
C LEU B 41 12.01 -28.41 25.72
N SER B 42 11.61 -29.18 24.70
CA SER B 42 10.32 -29.85 24.72
C SER B 42 10.27 -30.95 25.78
N GLN B 43 11.42 -31.43 26.25
CA GLN B 43 11.47 -32.46 27.28
C GLN B 43 11.36 -31.90 28.69
N ILE B 44 11.45 -30.58 28.85
CA ILE B 44 11.43 -29.97 30.18
C ILE B 44 10.09 -29.32 30.51
N THR B 45 9.41 -28.72 29.52
CA THR B 45 8.16 -28.01 29.75
C THR B 45 6.93 -28.90 29.55
N ASN B 46 7.07 -30.21 29.78
CA ASN B 46 5.95 -31.11 29.57
C ASN B 46 4.90 -31.00 30.66
N ASN B 47 5.30 -30.67 31.89
CA ASN B 47 4.37 -30.71 33.02
C ASN B 47 3.41 -29.53 33.05
N ILE B 48 3.80 -28.38 32.50
CA ILE B 48 2.98 -27.18 32.59
C ILE B 48 1.79 -27.29 31.66
N ASP B 49 0.71 -26.59 32.02
CA ASP B 49 -0.56 -26.61 31.29
C ASP B 49 -0.51 -25.63 30.11
N PRO B 50 -1.29 -25.88 29.06
CA PRO B 50 -1.27 -24.99 27.90
C PRO B 50 -2.10 -23.73 28.15
N VAL B 51 -2.07 -22.83 27.16
CA VAL B 51 -2.77 -21.56 27.29
C VAL B 51 -4.20 -21.67 26.80
N GLY B 52 -4.49 -22.58 25.88
CA GLY B 52 -5.84 -22.75 25.39
C GLY B 52 -6.10 -22.09 24.04
N ARG B 53 -7.21 -21.36 23.94
CA ARG B 53 -7.60 -20.70 22.71
C ARG B 53 -7.80 -19.21 22.96
N ILE B 54 -7.29 -18.39 22.05
CA ILE B 54 -7.39 -16.93 22.15
C ILE B 54 -8.00 -16.39 20.87
N GLN B 55 -9.01 -15.54 21.02
CA GLN B 55 -9.73 -14.96 19.89
C GLN B 55 -9.66 -13.44 19.97
N MET B 56 -9.35 -12.81 18.84
CA MET B 56 -9.22 -11.36 18.76
C MET B 56 -10.15 -10.82 17.67
N ARG B 57 -10.70 -9.64 17.90
CA ARG B 57 -11.58 -8.97 16.96
C ARG B 57 -11.02 -7.60 16.62
N THR B 58 -11.10 -7.23 15.34
CA THR B 58 -10.59 -5.94 14.91
C THR B 58 -11.43 -4.81 15.51
N ARG B 59 -10.76 -3.74 15.93
CA ARG B 59 -11.40 -2.59 16.53
C ARG B 59 -11.43 -1.36 15.64
N ARG B 60 -10.31 -1.03 15.00
CA ARG B 60 -10.21 0.16 14.17
C ARG B 60 -9.73 -0.22 12.78
N THR B 61 -10.15 0.55 11.79
CA THR B 61 -9.69 0.40 10.42
C THR B 61 -9.33 1.78 9.88
N LEU B 62 -8.13 1.91 9.33
CA LEU B 62 -7.62 3.18 8.83
C LEU B 62 -7.50 3.13 7.32
N ARG B 63 -8.11 4.10 6.65
CA ARG B 63 -8.12 4.16 5.19
C ARG B 63 -7.77 5.56 4.73
N GLY B 64 -7.24 5.64 3.51
CA GLY B 64 -6.81 6.92 2.96
C GLY B 64 -5.56 6.82 2.09
N HIS B 65 -4.86 5.69 2.16
CA HIS B 65 -3.70 5.47 1.31
C HIS B 65 -4.14 5.12 -0.11
N LEU B 66 -3.25 5.38 -1.07
CA LEU B 66 -3.57 5.18 -2.48
C LEU B 66 -3.04 3.88 -3.05
N ALA B 67 -1.93 3.36 -2.53
CA ALA B 67 -1.34 2.12 -3.05
C ALA B 67 -0.87 1.28 -1.85
N LYS B 68 -0.12 0.23 -2.15
CA LYS B 68 0.26 -0.74 -1.14
C LYS B 68 1.12 -0.10 -0.04
N ILE B 69 1.18 -0.79 1.10
CA ILE B 69 1.92 -0.32 2.27
C ILE B 69 3.12 -1.24 2.47
N TYR B 70 4.29 -0.64 2.70
CA TYR B 70 5.53 -1.39 2.83
C TYR B 70 6.13 -1.39 4.23
N ALA B 71 5.76 -0.45 5.09
CA ALA B 71 6.39 -0.39 6.40
C ALA B 71 5.50 0.39 7.36
N MET B 72 5.79 0.25 8.65
CA MET B 72 5.09 0.96 9.71
C MET B 72 5.96 0.93 10.97
N HIS B 73 5.62 1.81 11.91
CA HIS B 73 6.36 1.86 13.18
C HIS B 73 5.49 2.51 14.23
N TRP B 74 5.56 1.98 15.45
CA TRP B 74 4.79 2.49 16.58
C TRP B 74 5.56 3.61 17.27
N GLY B 75 4.81 4.55 17.85
CA GLY B 75 5.42 5.60 18.64
C GLY B 75 5.84 5.11 20.01
N THR B 76 6.59 5.97 20.71
CA THR B 76 7.08 5.59 22.04
C THR B 76 6.01 5.72 23.12
N ASP B 77 4.93 6.45 22.85
CA ASP B 77 3.83 6.58 23.78
C ASP B 77 2.64 5.68 23.44
N SER B 78 2.79 4.81 22.45
CA SER B 78 1.75 3.86 22.03
C SER B 78 0.43 4.55 21.73
N ARG B 79 0.51 5.72 21.09
CA ARG B 79 -0.69 6.40 20.62
C ARG B 79 -0.57 6.81 19.15
N LEU B 80 0.65 7.12 18.71
CA LEU B 80 0.90 7.58 17.36
C LEU B 80 1.71 6.56 16.58
N LEU B 81 1.43 6.46 15.28
CA LEU B 81 2.15 5.56 14.40
C LEU B 81 2.29 6.19 13.02
N VAL B 82 3.27 5.70 12.27
CA VAL B 82 3.59 6.22 10.94
C VAL B 82 3.52 5.09 9.95
N SER B 83 3.21 5.42 8.69
CA SER B 83 3.09 4.44 7.63
C SER B 83 3.68 5.00 6.35
N ALA B 84 4.17 4.10 5.49
CA ALA B 84 4.78 4.47 4.22
C ALA B 84 4.10 3.71 3.09
N SER B 85 3.84 4.40 1.99
CA SER B 85 3.13 3.83 0.85
C SER B 85 3.93 4.07 -0.42
N GLN B 86 3.63 3.26 -1.44
CA GLN B 86 4.40 3.29 -2.68
C GLN B 86 4.02 4.45 -3.60
N ASP B 87 2.98 5.22 -3.28
CA ASP B 87 2.64 6.37 -4.10
C ASP B 87 3.39 7.62 -3.70
N GLY B 88 4.22 7.57 -2.65
CA GLY B 88 5.03 8.70 -2.26
C GLY B 88 4.41 9.55 -1.16
N LYS B 89 3.90 8.90 -0.12
CA LYS B 89 3.27 9.60 0.99
C LYS B 89 3.76 9.02 2.30
N LEU B 90 3.64 9.83 3.36
CA LEU B 90 4.08 9.43 4.70
C LEU B 90 3.14 10.10 5.69
N ILE B 91 2.12 9.37 6.14
CA ILE B 91 1.06 9.91 6.98
C ILE B 91 1.28 9.48 8.41
N ILE B 92 0.91 10.35 9.35
CA ILE B 92 0.98 10.08 10.78
C ILE B 92 -0.44 10.04 11.33
N TRP B 93 -0.79 8.93 11.99
CA TRP B 93 -2.14 8.71 12.48
C TRP B 93 -2.21 8.92 13.99
N ASP B 94 -3.45 9.04 14.47
CA ASP B 94 -3.76 9.03 15.90
C ASP B 94 -4.68 7.84 16.13
N SER B 95 -4.13 6.76 16.69
CA SER B 95 -4.85 5.50 16.73
C SER B 95 -6.09 5.57 17.61
N TYR B 96 -6.09 6.42 18.64
CA TYR B 96 -7.23 6.48 19.56
C TYR B 96 -8.49 7.00 18.87
N THR B 97 -8.35 8.01 18.01
CA THR B 97 -9.49 8.68 17.41
C THR B 97 -9.47 8.67 15.88
N THR B 98 -8.47 8.04 15.27
CA THR B 98 -8.36 7.93 13.81
C THR B 98 -8.33 9.31 13.15
N ASN B 99 -7.42 10.15 13.62
CA ASN B 99 -7.26 11.51 13.11
C ASN B 99 -5.88 11.69 12.51
N LYS B 100 -5.83 12.29 11.32
CA LYS B 100 -4.57 12.57 10.66
C LYS B 100 -3.92 13.81 11.26
N VAL B 101 -2.61 13.72 11.51
CA VAL B 101 -1.86 14.81 12.10
C VAL B 101 -0.92 15.47 11.09
N HIS B 102 -0.36 14.68 10.17
CA HIS B 102 0.56 15.21 9.18
C HIS B 102 0.41 14.44 7.89
N ALA B 103 0.98 14.99 6.82
CA ALA B 103 1.00 14.33 5.51
C ALA B 103 2.17 14.91 4.73
N ILE B 104 3.19 14.10 4.49
CA ILE B 104 4.47 14.55 3.93
C ILE B 104 4.63 13.92 2.55
N PRO B 105 4.78 14.71 1.48
CA PRO B 105 5.07 14.14 0.17
C PRO B 105 6.55 13.88 -0.02
N LEU B 106 6.84 12.81 -0.75
CA LEU B 106 8.22 12.36 -0.96
C LEU B 106 8.70 12.73 -2.35
N ARG B 107 10.02 12.88 -2.47
CA ARG B 107 10.61 13.19 -3.77
C ARG B 107 10.63 11.98 -4.68
N SER B 108 10.94 10.80 -4.13
CA SER B 108 11.01 9.56 -4.89
C SER B 108 9.83 8.67 -4.52
N SER B 109 9.23 8.05 -5.55
CA SER B 109 8.01 7.29 -5.33
C SER B 109 8.28 5.94 -4.66
N TRP B 110 9.46 5.38 -4.88
CA TRP B 110 9.79 4.04 -4.38
C TRP B 110 10.41 4.16 -2.99
N VAL B 111 9.69 3.70 -1.97
CA VAL B 111 10.14 3.75 -0.59
C VAL B 111 9.95 2.37 0.04
N MET B 112 10.93 1.95 0.84
CA MET B 112 10.96 0.59 1.38
C MET B 112 10.91 0.52 2.90
N THR B 113 11.14 1.62 3.62
CA THR B 113 11.24 1.54 5.07
C THR B 113 10.93 2.89 5.69
N CYS B 114 10.68 2.87 7.00
CA CYS B 114 10.41 4.07 7.77
C CYS B 114 10.78 3.83 9.22
N ALA B 115 10.92 4.92 9.98
CA ALA B 115 11.32 4.83 11.38
C ALA B 115 10.74 6.01 12.14
N TYR B 116 10.75 5.88 13.46
CA TYR B 116 10.23 6.92 14.36
C TYR B 116 11.23 7.10 15.50
N ALA B 117 11.65 8.34 15.73
CA ALA B 117 12.65 8.61 16.74
C ALA B 117 12.09 8.33 18.14
N PRO B 118 12.94 7.92 19.08
CA PRO B 118 12.45 7.65 20.44
C PRO B 118 11.83 8.86 21.11
N SER B 119 12.36 10.06 20.86
CA SER B 119 11.84 11.27 21.48
C SER B 119 10.70 11.89 20.69
N GLY B 120 10.44 11.43 19.46
CA GLY B 120 9.34 11.94 18.69
C GLY B 120 9.60 13.22 17.94
N ASN B 121 10.86 13.56 17.67
CA ASN B 121 11.19 14.79 16.96
C ASN B 121 11.63 14.59 15.52
N TYR B 122 11.96 13.36 15.11
CA TYR B 122 12.46 13.11 13.78
C TYR B 122 11.78 11.87 13.18
N VAL B 123 11.79 11.81 11.86
CA VAL B 123 11.27 10.67 11.10
C VAL B 123 12.20 10.44 9.91
N ALA B 124 12.48 9.18 9.61
CA ALA B 124 13.41 8.82 8.54
C ALA B 124 12.75 7.82 7.59
N CYS B 125 13.21 7.84 6.34
CA CYS B 125 12.72 6.92 5.32
C CYS B 125 13.77 6.79 4.22
N GLY B 126 13.70 5.68 3.51
CA GLY B 126 14.62 5.41 2.41
C GLY B 126 14.03 4.39 1.46
N GLY B 127 14.73 4.19 0.35
CA GLY B 127 14.23 3.27 -0.66
C GLY B 127 15.20 2.95 -1.78
N LEU B 128 14.69 2.87 -3.02
CA LEU B 128 15.50 2.49 -4.17
C LEU B 128 16.44 3.59 -4.63
N ASP B 129 16.54 4.70 -3.91
CA ASP B 129 17.43 5.79 -4.27
C ASP B 129 18.73 5.77 -3.48
N ASN B 130 18.98 4.72 -2.68
CA ASN B 130 20.22 4.55 -1.92
C ASN B 130 20.46 5.67 -0.92
N ILE B 131 19.40 6.27 -0.39
CA ILE B 131 19.51 7.36 0.56
C ILE B 131 18.42 7.20 1.62
N CYS B 132 18.79 7.34 2.90
CA CYS B 132 17.85 7.37 4.01
C CYS B 132 17.86 8.80 4.54
N SER B 133 16.74 9.51 4.37
CA SER B 133 16.64 10.93 4.68
C SER B 133 16.12 11.13 6.10
N ILE B 134 16.23 12.37 6.58
CA ILE B 134 15.81 12.75 7.92
C ILE B 134 14.86 13.95 7.81
N TYR B 135 13.73 13.87 8.52
CA TYR B 135 12.72 14.92 8.51
C TYR B 135 12.57 15.50 9.91
N ASN B 136 12.28 16.79 9.97
CA ASN B 136 12.09 17.51 11.22
C ASN B 136 10.61 17.80 11.42
N LEU B 137 10.10 17.54 12.62
CA LEU B 137 8.67 17.64 12.89
C LEU B 137 8.29 18.90 13.66
N LYS B 138 9.19 19.48 14.43
CA LYS B 138 8.90 20.65 15.26
C LYS B 138 9.72 21.83 14.75
N THR B 139 9.09 22.68 13.94
CA THR B 139 9.74 23.84 13.36
C THR B 139 8.94 25.10 13.69
N ARG B 140 9.63 26.24 13.65
CA ARG B 140 8.99 27.51 13.97
C ARG B 140 8.03 27.94 12.86
N GLU B 141 8.39 27.66 11.60
CA GLU B 141 7.56 28.09 10.48
C GLU B 141 6.24 27.33 10.37
N GLY B 142 6.09 26.21 11.07
CA GLY B 142 4.85 25.48 11.05
C GLY B 142 4.73 24.41 9.99
N ASN B 143 5.83 23.96 9.41
CA ASN B 143 5.80 22.90 8.42
C ASN B 143 6.97 21.95 8.64
N VAL B 144 7.00 20.88 7.86
CA VAL B 144 8.06 19.88 7.93
C VAL B 144 8.99 20.06 6.74
N ARG B 145 10.27 19.81 6.97
CA ARG B 145 11.28 19.99 5.93
C ARG B 145 12.40 18.98 6.13
N VAL B 146 13.13 18.73 5.04
CA VAL B 146 14.24 17.78 5.09
C VAL B 146 15.40 18.42 5.84
N SER B 147 15.93 17.70 6.82
CA SER B 147 17.03 18.20 7.66
C SER B 147 18.40 17.75 7.17
N ARG B 148 18.51 16.53 6.66
CA ARG B 148 19.80 16.01 6.22
C ARG B 148 19.58 14.89 5.22
N GLU B 149 20.59 14.68 4.37
CA GLU B 149 20.61 13.57 3.43
C GLU B 149 21.95 12.85 3.51
N LEU B 150 21.90 11.53 3.56
CA LEU B 150 23.08 10.68 3.67
C LEU B 150 23.20 9.82 2.42
N ALA B 151 24.38 9.84 1.80
CA ALA B 151 24.61 9.10 0.54
C ALA B 151 26.02 8.54 0.56
N GLY B 152 26.15 7.27 0.93
CA GLY B 152 27.43 6.59 0.88
C GLY B 152 27.32 5.13 0.49
N HIS B 153 26.12 4.71 0.10
CA HIS B 153 25.84 3.32 -0.22
C HIS B 153 25.82 3.11 -1.73
N THR B 154 25.84 1.84 -2.13
CA THR B 154 25.83 1.46 -3.54
C THR B 154 24.49 0.86 -3.96
N GLY B 155 24.02 -0.18 -3.27
CA GLY B 155 22.76 -0.81 -3.62
C GLY B 155 21.58 -0.14 -2.94
N TYR B 156 20.41 -0.74 -3.13
CA TYR B 156 19.19 -0.20 -2.55
C TYR B 156 19.22 -0.36 -1.03
N LEU B 157 18.34 0.38 -0.36
CA LEU B 157 18.31 0.48 1.09
C LEU B 157 17.05 -0.17 1.62
N SER B 158 17.21 -1.13 2.54
CA SER B 158 16.09 -1.92 3.01
C SER B 158 15.70 -1.65 4.46
N CYS B 159 16.59 -1.08 5.27
CA CYS B 159 16.25 -0.79 6.66
C CYS B 159 17.25 0.20 7.23
N CYS B 160 16.76 1.36 7.69
CA CYS B 160 17.54 2.28 8.50
C CYS B 160 16.76 2.55 9.79
N ARG B 161 17.36 2.23 10.92
CA ARG B 161 16.69 2.22 12.22
C ARG B 161 17.43 3.11 13.21
N PHE B 162 16.67 3.92 13.95
CA PHE B 162 17.25 4.89 14.85
C PHE B 162 17.94 4.22 16.04
N LEU B 163 18.94 4.89 16.59
CA LEU B 163 19.64 4.42 17.78
C LEU B 163 19.63 5.51 18.85
N ASP B 164 19.69 6.77 18.41
CA ASP B 164 19.75 7.91 19.29
C ASP B 164 19.32 9.14 18.49
N ASP B 165 19.31 10.30 19.15
CA ASP B 165 18.96 11.54 18.48
C ASP B 165 20.05 12.02 17.53
N ASN B 166 21.24 11.40 17.55
CA ASN B 166 22.36 11.86 16.75
C ASN B 166 23.01 10.78 15.90
N GLN B 167 22.54 9.53 15.97
CA GLN B 167 23.13 8.45 15.19
C GLN B 167 22.06 7.46 14.77
N ILE B 168 22.35 6.74 13.69
CA ILE B 168 21.38 5.82 13.09
C ILE B 168 22.15 4.65 12.48
N VAL B 169 21.50 3.50 12.41
CA VAL B 169 22.09 2.27 11.89
C VAL B 169 21.33 1.87 10.62
N THR B 170 22.08 1.60 9.55
CA THR B 170 21.48 1.33 8.24
C THR B 170 22.06 0.05 7.65
N SER B 171 21.22 -0.72 6.97
CA SER B 171 21.62 -1.91 6.23
C SER B 171 21.09 -1.82 4.80
N SER B 172 21.96 -2.06 3.84
CA SER B 172 21.64 -1.90 2.42
C SER B 172 21.75 -3.23 1.69
N GLY B 173 21.51 -3.18 0.39
CA GLY B 173 21.50 -4.34 -0.48
C GLY B 173 22.81 -4.67 -1.14
N ASP B 174 23.91 -4.01 -0.76
CA ASP B 174 25.23 -4.33 -1.29
C ASP B 174 26.08 -5.08 -0.28
N THR B 175 25.44 -5.83 0.62
CA THR B 175 26.12 -6.67 1.62
C THR B 175 27.02 -5.84 2.52
N THR B 176 26.44 -4.82 3.15
CA THR B 176 27.21 -3.94 4.02
C THR B 176 26.27 -3.20 4.95
N CYS B 177 26.68 -3.08 6.22
CA CYS B 177 25.99 -2.27 7.22
C CYS B 177 26.94 -1.19 7.71
N ALA B 178 26.38 -0.08 8.18
CA ALA B 178 27.20 1.05 8.57
C ALA B 178 26.55 1.80 9.72
N LEU B 179 27.37 2.57 10.44
CA LEU B 179 26.93 3.43 11.52
C LEU B 179 27.20 4.87 11.13
N TRP B 180 26.17 5.71 11.17
CA TRP B 180 26.23 7.06 10.64
C TRP B 180 26.37 8.10 11.76
N ASP B 181 26.60 9.34 11.35
CA ASP B 181 26.69 10.48 12.24
C ASP B 181 25.88 11.61 11.63
N ILE B 182 24.76 11.95 12.25
CA ILE B 182 23.82 12.90 11.66
C ILE B 182 24.42 14.29 11.60
N GLU B 183 25.18 14.67 12.62
CA GLU B 183 25.68 16.06 12.71
C GLU B 183 26.56 16.42 11.53
N THR B 184 27.46 15.52 11.13
CA THR B 184 28.39 15.80 10.05
C THR B 184 28.07 15.06 8.76
N GLY B 185 27.29 13.98 8.82
CA GLY B 185 26.92 13.24 7.64
C GLY B 185 27.93 12.22 7.16
N GLN B 186 28.99 11.99 7.92
CA GLN B 186 30.02 11.03 7.54
C GLN B 186 29.89 9.76 8.39
N GLN B 187 30.00 8.61 7.72
CA GLN B 187 29.94 7.34 8.44
C GLN B 187 31.22 7.09 9.22
N THR B 188 31.11 6.31 10.29
CA THR B 188 32.23 6.05 11.19
C THR B 188 32.68 4.60 11.16
N THR B 189 31.76 3.65 11.29
CA THR B 189 32.09 2.24 11.37
C THR B 189 31.36 1.47 10.28
N THR B 190 32.04 0.47 9.71
CA THR B 190 31.49 -0.36 8.64
C THR B 190 31.60 -1.82 9.04
N PHE B 191 30.53 -2.58 8.83
CA PHE B 191 30.49 -4.01 9.15
C PHE B 191 30.46 -4.80 7.86
N THR B 192 31.33 -5.81 7.77
CA THR B 192 31.44 -6.66 6.58
C THR B 192 31.49 -8.12 7.01
N GLY B 193 31.16 -9.00 6.06
CA GLY B 193 31.23 -10.42 6.32
C GLY B 193 30.15 -11.25 5.64
N HIS B 194 29.05 -10.60 5.24
CA HIS B 194 27.97 -11.31 4.57
C HIS B 194 28.32 -11.55 3.11
N THR B 195 27.52 -12.40 2.46
CA THR B 195 27.65 -12.69 1.05
C THR B 195 26.47 -12.19 0.24
N GLY B 196 25.24 -12.52 0.65
CA GLY B 196 24.06 -11.96 0.04
C GLY B 196 23.66 -10.65 0.68
N ASP B 197 22.66 -10.00 0.09
CA ASP B 197 22.19 -8.72 0.58
C ASP B 197 21.45 -8.86 1.90
N VAL B 198 21.63 -7.88 2.78
CA VAL B 198 21.01 -7.89 4.10
C VAL B 198 19.56 -7.43 3.97
N MET B 199 18.67 -8.06 4.73
CA MET B 199 17.24 -7.81 4.61
C MET B 199 16.60 -7.22 5.86
N SER B 200 17.15 -7.45 7.05
CA SER B 200 16.52 -6.96 8.26
C SER B 200 17.54 -6.93 9.40
N LEU B 201 17.20 -6.19 10.45
CA LEU B 201 18.00 -6.13 11.65
C LEU B 201 17.12 -5.77 12.83
N SER B 202 17.63 -6.04 14.03
CA SER B 202 16.93 -5.74 15.28
C SER B 202 17.94 -5.27 16.31
N LEU B 203 17.48 -4.45 17.26
CA LEU B 203 18.35 -3.81 18.24
C LEU B 203 18.08 -4.37 19.64
N ALA B 204 19.16 -4.54 20.40
CA ALA B 204 19.04 -5.01 21.77
C ALA B 204 18.40 -3.93 22.65
N PRO B 205 17.76 -4.32 23.76
CA PRO B 205 17.16 -3.31 24.64
C PRO B 205 18.16 -2.32 25.21
N ASP B 206 19.39 -2.75 25.47
CA ASP B 206 20.42 -1.85 26.00
C ASP B 206 21.17 -1.09 24.91
N THR B 207 20.84 -1.34 23.64
CA THR B 207 21.47 -0.67 22.50
C THR B 207 23.00 -0.81 22.54
N ARG B 208 23.46 -2.06 22.55
CA ARG B 208 24.89 -2.34 22.51
C ARG B 208 25.20 -3.39 21.45
N LEU B 209 24.23 -4.25 21.13
CA LEU B 209 24.40 -5.33 20.18
C LEU B 209 23.21 -5.37 19.25
N PHE B 210 23.41 -5.98 18.08
CA PHE B 210 22.33 -6.14 17.12
C PHE B 210 22.64 -7.32 16.21
N VAL B 211 21.60 -7.82 15.53
CA VAL B 211 21.70 -8.99 14.68
C VAL B 211 21.14 -8.64 13.31
N SER B 212 21.54 -9.43 12.31
CA SER B 212 21.11 -9.21 10.94
C SER B 212 20.90 -10.55 10.25
N GLY B 213 20.06 -10.53 9.22
CA GLY B 213 19.80 -11.74 8.44
C GLY B 213 19.88 -11.49 6.95
N ALA B 214 20.77 -12.21 6.27
CA ALA B 214 21.04 -12.02 4.85
C ALA B 214 20.37 -13.12 4.04
N CYS B 215 20.56 -13.03 2.72
CA CYS B 215 19.97 -13.99 1.77
C CYS B 215 20.88 -15.16 1.47
N ASP B 216 21.81 -15.48 2.36
CA ASP B 216 22.66 -16.66 2.24
C ASP B 216 22.41 -17.66 3.36
N ALA B 217 21.26 -17.56 4.03
CA ALA B 217 20.83 -18.49 5.08
C ALA B 217 21.82 -18.48 6.25
N SER B 218 21.99 -17.31 6.84
CA SER B 218 22.85 -17.17 8.01
C SER B 218 22.47 -15.91 8.77
N ALA B 219 22.90 -15.85 10.02
CA ALA B 219 22.71 -14.68 10.87
C ALA B 219 23.97 -14.47 11.71
N LYS B 220 24.23 -13.21 12.06
CA LYS B 220 25.44 -12.84 12.76
C LYS B 220 25.13 -11.90 13.92
N LEU B 221 26.01 -11.91 14.91
CA LEU B 221 25.92 -11.03 16.07
C LEU B 221 27.08 -10.05 16.02
N TRP B 222 26.78 -8.76 15.99
CA TRP B 222 27.79 -7.72 15.86
C TRP B 222 28.01 -7.01 17.20
N ASP B 223 29.09 -6.24 17.26
CA ASP B 223 29.42 -5.42 18.41
C ASP B 223 29.59 -3.98 17.94
N VAL B 224 28.82 -3.06 18.52
CA VAL B 224 28.82 -1.68 18.06
C VAL B 224 30.13 -0.99 18.43
N ARG B 225 30.62 -1.20 19.66
CA ARG B 225 31.78 -0.46 20.13
C ARG B 225 33.03 -0.80 19.33
N GLU B 226 33.24 -2.08 19.03
CA GLU B 226 34.46 -2.51 18.34
C GLU B 226 34.27 -2.57 16.83
N GLY B 227 33.32 -3.37 16.37
CA GLY B 227 33.10 -3.53 14.95
C GLY B 227 33.59 -4.86 14.42
N MET B 228 33.45 -5.92 15.21
CA MET B 228 33.89 -7.24 14.83
C MET B 228 32.78 -8.24 15.11
N CYS B 229 32.73 -9.29 14.29
CA CYS B 229 31.72 -10.33 14.46
C CYS B 229 32.01 -11.17 15.69
N ARG B 230 30.95 -11.57 16.39
CA ARG B 230 31.07 -12.34 17.63
C ARG B 230 30.88 -13.84 17.40
N GLN B 231 29.74 -14.22 16.83
CA GLN B 231 29.47 -15.64 16.56
C GLN B 231 28.40 -15.72 15.47
N THR B 232 28.31 -16.91 14.86
CA THR B 232 27.44 -17.14 13.72
C THR B 232 26.56 -18.36 13.96
N PHE B 233 25.28 -18.23 13.61
CA PHE B 233 24.32 -19.32 13.71
C PHE B 233 23.79 -19.65 12.33
N THR B 234 23.81 -20.93 11.96
CA THR B 234 23.28 -21.37 10.68
C THR B 234 22.47 -22.65 10.88
N GLY B 235 21.17 -22.58 10.63
CA GLY B 235 20.33 -23.74 10.74
C GLY B 235 19.21 -23.79 9.71
N HIS B 236 19.15 -22.80 8.83
CA HIS B 236 18.07 -22.68 7.87
C HIS B 236 18.46 -23.35 6.55
N GLU B 237 17.58 -23.20 5.55
CA GLU B 237 17.79 -23.79 4.24
C GLU B 237 17.50 -22.84 3.08
N SER B 238 17.04 -21.63 3.34
CA SER B 238 16.73 -20.69 2.27
C SER B 238 16.95 -19.27 2.81
N ASP B 239 16.43 -18.28 2.09
CA ASP B 239 16.61 -16.89 2.49
C ASP B 239 15.83 -16.57 3.76
N ILE B 240 16.28 -15.53 4.46
CA ILE B 240 15.68 -15.10 5.71
C ILE B 240 15.03 -13.73 5.48
N ASN B 241 13.77 -13.60 5.87
CA ASN B 241 12.99 -12.40 5.60
C ASN B 241 12.77 -11.51 6.81
N ALA B 242 12.76 -12.05 8.02
CA ALA B 242 12.45 -11.27 9.20
C ALA B 242 13.21 -11.81 10.41
N ILE B 243 13.36 -10.95 11.41
CA ILE B 243 14.06 -11.29 12.64
C ILE B 243 13.56 -10.39 13.75
N CYS B 244 13.49 -10.93 14.96
CA CYS B 244 13.04 -10.19 16.13
C CYS B 244 13.75 -10.72 17.36
N PHE B 245 13.80 -9.90 18.40
CA PHE B 245 14.56 -10.19 19.61
C PHE B 245 13.63 -10.60 20.74
N PHE B 246 14.13 -11.47 21.62
CA PHE B 246 13.38 -11.87 22.79
C PHE B 246 13.36 -10.72 23.81
N PRO B 247 12.26 -10.55 24.56
CA PRO B 247 12.24 -9.47 25.56
C PRO B 247 13.30 -9.59 26.63
N ASN B 248 13.70 -10.83 26.97
CA ASN B 248 14.75 -11.00 27.98
C ASN B 248 16.08 -10.45 27.50
N GLY B 249 16.43 -10.70 26.24
CA GLY B 249 17.69 -10.28 25.69
C GLY B 249 18.70 -11.39 25.46
N ASN B 250 18.28 -12.65 25.42
CA ASN B 250 19.22 -13.76 25.23
C ASN B 250 18.70 -14.77 24.22
N ALA B 251 17.79 -14.39 23.34
CA ALA B 251 17.27 -15.29 22.31
C ALA B 251 16.65 -14.45 21.21
N PHE B 252 16.39 -15.09 20.08
CA PHE B 252 15.73 -14.43 18.96
C PHE B 252 15.08 -15.48 18.07
N ALA B 253 14.19 -15.02 17.20
CA ALA B 253 13.48 -15.89 16.27
C ALA B 253 13.59 -15.33 14.87
N THR B 254 13.58 -16.22 13.88
CA THR B 254 13.75 -15.85 12.48
C THR B 254 12.68 -16.52 11.63
N GLY B 255 12.33 -15.86 10.53
CA GLY B 255 11.40 -16.39 9.56
C GLY B 255 12.06 -16.53 8.21
N SER B 256 11.80 -17.64 7.54
CA SER B 256 12.49 -17.99 6.30
C SER B 256 11.49 -18.15 5.16
N ASP B 257 12.00 -18.55 4.01
CA ASP B 257 11.20 -18.72 2.80
C ASP B 257 10.74 -20.16 2.61
N ASP B 258 11.05 -21.06 3.53
CA ASP B 258 10.60 -22.45 3.47
C ASP B 258 9.53 -22.76 4.52
N ALA B 259 8.82 -21.73 5.00
CA ALA B 259 7.68 -21.89 5.90
C ALA B 259 8.09 -22.54 7.22
N THR B 260 9.08 -21.95 7.88
CA THR B 260 9.53 -22.42 9.19
C THR B 260 9.96 -21.24 10.04
N CYS B 261 9.93 -21.46 11.35
CA CYS B 261 10.49 -20.54 12.34
C CYS B 261 11.36 -21.33 13.31
N ARG B 262 12.41 -20.69 13.81
CA ARG B 262 13.33 -21.34 14.72
C ARG B 262 13.71 -20.39 15.84
N LEU B 263 14.12 -20.96 16.97
CA LEU B 263 14.50 -20.20 18.15
C LEU B 263 15.93 -20.55 18.53
N PHE B 264 16.77 -19.53 18.68
CA PHE B 264 18.18 -19.70 18.95
C PHE B 264 18.54 -19.20 20.34
N ASP B 265 19.54 -19.83 20.95
CA ASP B 265 20.03 -19.45 22.27
C ASP B 265 21.45 -18.92 22.14
N LEU B 266 21.67 -17.71 22.64
CA LEU B 266 22.98 -17.06 22.50
C LEU B 266 24.06 -17.79 23.29
N ARG B 267 23.73 -18.25 24.49
CA ARG B 267 24.74 -18.83 25.38
C ARG B 267 25.14 -20.25 24.99
N ALA B 268 24.44 -20.88 24.05
CA ALA B 268 24.76 -22.24 23.62
C ALA B 268 25.05 -22.36 22.13
N ASP B 269 24.74 -21.35 21.32
CA ASP B 269 24.97 -21.35 19.88
C ASP B 269 24.30 -22.54 19.20
N GLN B 270 23.11 -22.93 19.66
CA GLN B 270 22.34 -23.98 19.03
C GLN B 270 20.88 -23.56 18.98
N GLU B 271 20.16 -24.08 17.99
CA GLU B 271 18.72 -23.89 17.93
C GLU B 271 18.03 -24.81 18.93
N LEU B 272 16.85 -24.40 19.39
CA LEU B 272 16.12 -25.12 20.41
C LEU B 272 14.85 -25.77 19.91
N MET B 273 14.04 -25.08 19.11
CA MET B 273 12.76 -25.61 18.68
C MET B 273 12.46 -25.15 17.26
N THR B 274 11.59 -25.89 16.58
CA THR B 274 11.14 -25.57 15.23
C THR B 274 9.63 -25.47 15.22
N TYR B 275 9.12 -24.35 14.69
CA TYR B 275 7.67 -24.12 14.57
C TYR B 275 7.29 -24.39 13.12
N SER B 276 7.03 -25.67 12.81
CA SER B 276 6.66 -26.09 11.48
C SER B 276 5.36 -26.86 11.54
N HIS B 277 4.57 -26.74 10.47
CA HIS B 277 3.29 -27.42 10.39
C HIS B 277 3.05 -27.84 8.95
N ASP B 278 2.27 -28.91 8.78
CA ASP B 278 1.93 -29.38 7.46
C ASP B 278 0.96 -28.41 6.79
N ASN B 279 0.51 -28.80 5.59
CA ASN B 279 -0.41 -28.06 4.70
C ASN B 279 -0.18 -26.56 4.78
N ILE B 280 1.09 -26.14 4.80
CA ILE B 280 1.49 -24.75 4.74
C ILE B 280 2.69 -24.66 3.80
N ILE B 281 2.50 -23.98 2.67
CA ILE B 281 3.52 -23.98 1.62
C ILE B 281 3.86 -22.55 1.19
N CYS B 282 3.76 -21.61 2.12
CA CYS B 282 4.01 -20.21 1.83
C CYS B 282 5.05 -19.64 2.80
N GLY B 283 5.76 -18.60 2.35
CA GLY B 283 6.81 -17.99 3.14
C GLY B 283 6.26 -17.09 4.24
N ILE B 284 7.19 -16.56 5.04
CA ILE B 284 6.87 -15.72 6.18
C ILE B 284 7.53 -14.36 5.98
N THR B 285 6.76 -13.30 6.25
CA THR B 285 7.24 -11.94 5.99
C THR B 285 7.60 -11.15 7.24
N SER B 286 7.08 -11.52 8.41
CA SER B 286 7.35 -10.75 9.62
C SER B 286 7.00 -11.57 10.84
N VAL B 287 7.75 -11.37 11.92
CA VAL B 287 7.52 -12.04 13.19
C VAL B 287 7.55 -11.00 14.31
N SER B 288 6.96 -11.36 15.44
CA SER B 288 6.92 -10.48 16.60
C SER B 288 6.68 -11.31 17.86
N PHE B 289 6.97 -10.70 19.00
CA PHE B 289 6.81 -11.32 20.31
C PHE B 289 5.74 -10.56 21.11
N SER B 290 5.59 -10.95 22.36
CA SER B 290 4.67 -10.30 23.29
C SER B 290 5.46 -9.68 24.44
N LYS B 291 4.73 -9.02 25.35
CA LYS B 291 5.38 -8.33 26.46
C LYS B 291 6.07 -9.31 27.40
N SER B 292 5.43 -10.44 27.70
CA SER B 292 5.98 -11.44 28.59
C SER B 292 6.73 -12.55 27.85
N GLY B 293 6.77 -12.49 26.52
CA GLY B 293 7.46 -13.51 25.75
C GLY B 293 6.84 -14.89 25.81
N ARG B 294 5.51 -14.97 25.78
CA ARG B 294 4.81 -16.24 25.83
C ARG B 294 4.12 -16.59 24.51
N LEU B 295 3.93 -15.62 23.62
CA LEU B 295 3.28 -15.86 22.34
C LEU B 295 4.19 -15.41 21.21
N LEU B 296 3.93 -15.93 20.01
CA LEU B 296 4.67 -15.56 18.82
C LEU B 296 3.68 -15.36 17.68
N LEU B 297 3.82 -14.24 16.97
CA LEU B 297 2.94 -13.90 15.85
C LEU B 297 3.75 -13.88 14.57
N ALA B 298 3.19 -14.45 13.50
CA ALA B 298 3.87 -14.51 12.22
C ALA B 298 2.89 -14.24 11.09
N GLY B 299 3.34 -13.49 10.09
CA GLY B 299 2.52 -13.16 8.93
C GLY B 299 2.94 -14.01 7.73
N TYR B 300 1.94 -14.48 6.99
CA TYR B 300 2.15 -15.40 5.88
C TYR B 300 1.73 -14.77 4.57
N ASP B 301 2.04 -15.46 3.48
CA ASP B 301 1.69 -15.02 2.14
C ASP B 301 0.31 -15.50 1.69
N ASP B 302 -0.33 -16.39 2.45
CA ASP B 302 -1.67 -16.88 2.12
C ASP B 302 -2.77 -16.00 2.71
N PHE B 303 -2.46 -14.74 3.02
CA PHE B 303 -3.41 -13.72 3.45
C PHE B 303 -3.90 -13.92 4.88
N ASN B 304 -3.15 -14.65 5.71
CA ASN B 304 -3.55 -14.94 7.08
C ASN B 304 -2.49 -14.47 8.05
N CYS B 305 -2.70 -14.82 9.32
CA CYS B 305 -1.74 -14.54 10.39
C CYS B 305 -1.98 -15.55 11.50
N ASN B 306 -0.90 -16.10 12.04
CA ASN B 306 -0.99 -17.20 13.00
C ASN B 306 -0.36 -16.81 14.32
N VAL B 307 -0.84 -17.44 15.39
CA VAL B 307 -0.32 -17.23 16.73
C VAL B 307 0.18 -18.56 17.27
N TRP B 308 1.46 -18.63 17.59
CA TRP B 308 2.10 -19.85 18.06
C TRP B 308 2.32 -19.78 19.56
N ASP B 309 2.54 -20.95 20.16
CA ASP B 309 2.89 -21.07 21.58
C ASP B 309 4.39 -21.26 21.67
N ALA B 310 5.06 -20.36 22.42
CA ALA B 310 6.52 -20.38 22.47
C ALA B 310 7.03 -21.63 23.16
N LEU B 311 6.37 -22.06 24.23
CA LEU B 311 6.87 -23.15 25.05
C LEU B 311 6.35 -24.52 24.65
N LYS B 312 5.45 -24.60 23.66
CA LYS B 312 4.89 -25.87 23.23
C LYS B 312 4.90 -26.08 21.72
N ALA B 313 4.98 -25.03 20.92
CA ALA B 313 5.02 -25.13 19.46
C ALA B 313 3.76 -25.78 18.91
N ASP B 314 2.60 -25.27 19.33
CA ASP B 314 1.32 -25.68 18.76
C ASP B 314 0.47 -24.44 18.52
N ARG B 315 -0.25 -24.45 17.40
CA ARG B 315 -1.03 -23.28 17.01
C ARG B 315 -2.19 -23.05 17.97
N ALA B 316 -2.50 -21.77 18.18
CA ALA B 316 -3.65 -21.39 19.02
C ALA B 316 -4.14 -20.02 18.53
N GLY B 317 -5.19 -20.05 17.72
CA GLY B 317 -5.81 -18.83 17.23
C GLY B 317 -5.30 -18.42 15.86
N VAL B 318 -6.20 -17.82 15.08
CA VAL B 318 -5.89 -17.34 13.73
C VAL B 318 -6.47 -15.93 13.61
N LEU B 319 -5.80 -15.09 12.81
CA LEU B 319 -6.24 -13.73 12.54
C LEU B 319 -6.53 -13.62 11.05
N ALA B 320 -7.80 -13.41 10.71
CA ALA B 320 -8.24 -13.34 9.33
C ALA B 320 -9.00 -12.05 9.09
N GLY B 321 -9.04 -11.62 7.83
CA GLY B 321 -9.72 -10.39 7.47
C GLY B 321 -9.05 -9.61 6.36
N HIS B 322 -7.79 -9.91 6.08
CA HIS B 322 -7.07 -9.27 5.00
C HIS B 322 -7.31 -10.01 3.70
N ASP B 323 -7.33 -9.27 2.59
CA ASP B 323 -7.58 -9.84 1.27
C ASP B 323 -6.34 -9.89 0.39
N ASN B 324 -5.18 -9.55 0.93
CA ASN B 324 -3.92 -9.68 0.21
C ASN B 324 -2.81 -9.89 1.22
N ARG B 325 -1.61 -10.17 0.72
CA ARG B 325 -0.51 -10.58 1.59
C ARG B 325 -0.16 -9.46 2.57
N VAL B 326 0.20 -9.86 3.79
CA VAL B 326 0.61 -8.90 4.81
C VAL B 326 2.08 -8.60 4.67
N SER B 327 2.48 -7.39 5.04
CA SER B 327 3.87 -6.95 4.87
C SER B 327 4.48 -6.30 6.10
N CYS B 328 3.72 -6.05 7.16
CA CYS B 328 4.27 -5.46 8.36
C CYS B 328 3.46 -5.92 9.57
N LEU B 329 4.08 -5.82 10.75
CA LEU B 329 3.47 -6.30 11.97
C LEU B 329 4.25 -5.73 13.15
N GLY B 330 3.51 -5.22 14.15
CA GLY B 330 4.14 -4.62 15.31
C GLY B 330 3.27 -4.75 16.54
N VAL B 331 3.89 -4.52 17.70
CA VAL B 331 3.24 -4.63 18.99
C VAL B 331 3.62 -3.41 19.82
N THR B 332 2.65 -2.83 20.51
CA THR B 332 2.89 -1.63 21.30
C THR B 332 3.83 -1.94 22.47
N ASP B 333 4.37 -0.87 23.04
CA ASP B 333 5.36 -1.03 24.11
C ASP B 333 4.73 -1.55 25.40
N ASP B 334 3.48 -1.17 25.67
CA ASP B 334 2.79 -1.63 26.87
C ASP B 334 2.04 -2.94 26.66
N GLY B 335 2.05 -3.48 25.44
CA GLY B 335 1.40 -4.76 25.17
C GLY B 335 -0.10 -4.70 25.29
N MET B 336 -0.75 -3.95 24.40
CA MET B 336 -2.19 -3.82 24.42
C MET B 336 -2.85 -3.99 23.06
N ALA B 337 -2.11 -3.84 21.95
CA ALA B 337 -2.71 -3.91 20.63
C ALA B 337 -1.68 -4.41 19.63
N VAL B 338 -2.20 -4.91 18.51
CA VAL B 338 -1.39 -5.36 17.38
C VAL B 338 -1.91 -4.68 16.13
N ALA B 339 -1.00 -4.20 15.28
CA ALA B 339 -1.36 -3.52 14.05
C ALA B 339 -0.72 -4.22 12.87
N THR B 340 -1.49 -4.40 11.80
CA THR B 340 -1.03 -5.08 10.60
C THR B 340 -1.34 -4.24 9.38
N GLY B 341 -0.48 -4.34 8.37
CA GLY B 341 -0.70 -3.70 7.09
C GLY B 341 -0.45 -4.68 5.97
N SER B 342 -1.21 -4.53 4.90
CA SER B 342 -1.17 -5.47 3.79
C SER B 342 -1.09 -4.69 2.48
N TRP B 343 -1.21 -5.41 1.37
CA TRP B 343 -1.02 -4.85 0.05
C TRP B 343 -2.30 -4.27 -0.55
N ASP B 344 -3.41 -4.28 0.18
CA ASP B 344 -4.63 -3.62 -0.24
C ASP B 344 -4.81 -2.25 0.40
N SER B 345 -3.78 -1.76 1.10
CA SER B 345 -3.72 -0.39 1.62
C SER B 345 -4.76 -0.15 2.72
N PHE B 346 -4.88 -1.10 3.64
CA PHE B 346 -5.72 -0.94 4.81
C PHE B 346 -4.95 -1.35 6.05
N LEU B 347 -5.03 -0.53 7.09
CA LEU B 347 -4.42 -0.82 8.39
C LEU B 347 -5.50 -1.22 9.37
N LYS B 348 -5.21 -2.22 10.19
CA LYS B 348 -6.18 -2.72 11.17
C LYS B 348 -5.49 -2.86 12.53
N ILE B 349 -6.28 -2.70 13.59
CA ILE B 349 -5.82 -2.82 14.96
C ILE B 349 -6.66 -3.87 15.66
N TRP B 350 -5.99 -4.88 16.23
CA TRP B 350 -6.65 -6.01 16.88
C TRP B 350 -6.47 -5.92 18.38
N ASN B 351 -7.46 -6.44 19.11
CA ASN B 351 -7.40 -6.43 20.57
C ASN B 351 -8.33 -7.49 21.14
N SER C 8 41.30 -14.56 -5.39
CA SER C 8 40.52 -15.55 -4.66
C SER C 8 41.26 -16.01 -3.40
N ILE C 9 42.60 -15.90 -3.43
CA ILE C 9 43.40 -16.31 -2.29
C ILE C 9 43.14 -15.39 -1.09
N ALA C 10 42.90 -14.10 -1.34
CA ALA C 10 42.62 -13.18 -0.24
C ALA C 10 41.32 -13.53 0.47
N GLN C 11 40.28 -13.90 -0.29
CA GLN C 11 39.00 -14.24 0.31
C GLN C 11 39.07 -15.51 1.13
N ALA C 12 39.85 -16.50 0.68
CA ALA C 12 39.96 -17.76 1.41
C ALA C 12 40.69 -17.59 2.73
N ARG C 13 41.69 -16.70 2.77
CA ARG C 13 42.45 -16.49 3.99
C ARG C 13 41.58 -15.91 5.10
N LYS C 14 40.69 -14.98 4.75
CA LYS C 14 39.83 -14.36 5.75
C LYS C 14 38.88 -15.39 6.37
N LEU C 15 38.37 -16.31 5.54
CA LEU C 15 37.44 -17.32 6.04
C LEU C 15 38.10 -18.21 7.09
N VAL C 16 39.36 -18.61 6.84
CA VAL C 16 40.10 -19.39 7.82
C VAL C 16 40.37 -18.57 9.07
N GLU C 17 40.74 -17.30 8.89
CA GLU C 17 41.03 -16.44 10.04
C GLU C 17 39.81 -16.25 10.92
N GLN C 18 38.65 -16.02 10.31
CA GLN C 18 37.43 -15.82 11.08
C GLN C 18 37.03 -17.09 11.85
N LEU C 19 37.18 -18.26 11.22
CA LEU C 19 36.79 -19.51 11.87
C LEU C 19 37.64 -19.81 13.09
N LYS C 20 38.88 -19.33 13.13
CA LYS C 20 39.78 -19.64 14.24
C LYS C 20 39.35 -18.97 15.55
N MET C 21 38.66 -17.83 15.49
CA MET C 21 38.19 -17.14 16.68
C MET C 21 36.92 -17.71 17.28
N GLU C 22 36.22 -18.60 16.55
CA GLU C 22 34.96 -19.16 17.05
C GLU C 22 35.17 -20.47 17.80
N ALA C 23 36.41 -20.97 17.86
CA ALA C 23 36.73 -22.17 18.61
C ALA C 23 37.04 -21.89 20.07
N ASN C 24 37.01 -20.64 20.49
CA ASN C 24 37.39 -20.25 21.85
C ASN C 24 36.19 -19.83 22.69
N ILE C 25 34.98 -19.98 22.18
CA ILE C 25 33.78 -19.55 22.91
C ILE C 25 33.46 -20.56 23.98
N ASP C 26 33.16 -20.07 25.18
CA ASP C 26 32.73 -20.91 26.30
C ASP C 26 31.24 -21.16 26.21
N ARG C 27 30.84 -22.41 26.36
CA ARG C 27 29.45 -22.81 26.21
C ARG C 27 28.92 -23.43 27.50
N ILE C 28 27.59 -23.46 27.62
CA ILE C 28 26.91 -24.02 28.78
C ILE C 28 25.85 -24.99 28.29
N LYS C 29 25.40 -25.85 29.22
CA LYS C 29 24.44 -26.88 28.88
C LYS C 29 23.07 -26.28 28.57
N VAL C 30 22.27 -27.06 27.81
CA VAL C 30 20.99 -26.57 27.32
C VAL C 30 19.99 -26.40 28.46
N SER C 31 20.03 -27.29 29.44
CA SER C 31 19.04 -27.26 30.53
C SER C 31 19.15 -25.97 31.33
N LYS C 32 20.37 -25.53 31.62
CA LYS C 32 20.57 -24.29 32.38
C LYS C 32 20.13 -23.07 31.60
N ALA C 33 19.99 -23.18 30.27
CA ALA C 33 19.48 -22.08 29.47
C ALA C 33 17.96 -22.13 29.31
N ALA C 34 17.38 -23.33 29.27
CA ALA C 34 15.93 -23.45 29.17
C ALA C 34 15.23 -23.16 30.49
N ALA C 35 15.86 -23.51 31.61
CA ALA C 35 15.26 -23.24 32.91
C ALA C 35 15.10 -21.74 33.15
N ASP C 36 16.10 -20.94 32.75
CA ASP C 36 15.99 -19.50 32.93
C ASP C 36 14.86 -18.92 32.09
N LEU C 37 14.71 -19.38 30.85
CA LEU C 37 13.60 -18.93 30.02
C LEU C 37 12.27 -19.30 30.63
N MET C 38 12.14 -20.53 31.14
CA MET C 38 10.89 -20.94 31.77
C MET C 38 10.59 -20.09 33.00
N ALA C 39 11.60 -19.83 33.82
CA ALA C 39 11.39 -19.01 35.02
C ALA C 39 10.98 -17.59 34.66
N TYR C 40 11.64 -17.00 33.65
CA TYR C 40 11.28 -15.64 33.24
C TYR C 40 9.86 -15.60 32.69
N CYS C 41 9.46 -16.61 31.92
CA CYS C 41 8.11 -16.65 31.39
C CYS C 41 7.09 -16.79 32.52
N GLU C 42 7.39 -17.61 33.53
CA GLU C 42 6.46 -17.83 34.62
C GLU C 42 6.42 -16.67 35.62
N ALA C 43 7.45 -15.82 35.65
CA ALA C 43 7.52 -14.75 36.62
C ALA C 43 6.97 -13.42 36.10
N HIS C 44 6.45 -13.38 34.88
CA HIS C 44 5.92 -12.13 34.33
C HIS C 44 4.62 -12.38 33.56
N ALA C 45 3.88 -13.43 33.90
CA ALA C 45 2.67 -13.76 33.16
C ALA C 45 1.50 -12.84 33.51
N LYS C 46 1.53 -12.22 34.68
CA LYS C 46 0.41 -11.41 35.16
C LYS C 46 0.43 -9.98 34.66
N GLU C 47 1.45 -9.56 33.92
CA GLU C 47 1.53 -8.24 33.30
C GLU C 47 1.36 -8.29 31.79
N ASP C 48 0.63 -9.28 31.29
CA ASP C 48 0.41 -9.44 29.86
C ASP C 48 -1.08 -9.30 29.53
N PRO C 49 -1.53 -8.12 29.10
CA PRO C 49 -2.96 -7.97 28.73
C PRO C 49 -3.39 -8.80 27.53
N LEU C 50 -2.45 -9.30 26.73
CA LEU C 50 -2.84 -10.08 25.56
C LEU C 50 -3.28 -11.49 25.93
N LEU C 51 -2.63 -12.09 26.94
CA LEU C 51 -3.02 -13.44 27.35
C LEU C 51 -4.41 -13.45 27.98
N THR C 52 -4.65 -12.56 28.94
CA THR C 52 -5.94 -12.48 29.62
C THR C 52 -6.74 -11.33 29.05
N PRO C 53 -7.96 -11.56 28.56
CA PRO C 53 -8.70 -10.49 27.87
C PRO C 53 -8.89 -9.27 28.76
N VAL C 54 -8.73 -8.10 28.16
CA VAL C 54 -8.83 -6.83 28.90
C VAL C 54 -10.29 -6.55 29.22
N PRO C 55 -10.63 -6.18 30.46
CA PRO C 55 -12.02 -5.84 30.77
C PRO C 55 -12.48 -4.63 29.97
N ALA C 56 -13.78 -4.62 29.65
CA ALA C 56 -14.35 -3.55 28.83
C ALA C 56 -14.28 -2.20 29.52
N SER C 57 -14.17 -2.17 30.86
CA SER C 57 -14.12 -0.90 31.57
C SER C 57 -12.75 -0.23 31.42
N GLU C 58 -11.69 -1.01 31.27
CA GLU C 58 -10.33 -0.48 31.24
C GLU C 58 -9.69 -0.54 29.86
N ASN C 59 -10.47 -0.75 28.81
CA ASN C 59 -9.93 -0.87 27.46
C ASN C 59 -9.97 0.50 26.77
N PRO C 60 -8.82 1.13 26.49
CA PRO C 60 -8.85 2.41 25.76
C PRO C 60 -9.37 2.29 24.34
N PHE C 61 -9.33 1.10 23.74
CA PHE C 61 -9.82 0.89 22.38
C PHE C 61 -11.21 0.30 22.43
N ARG C 62 -12.14 0.90 21.68
CA ARG C 62 -13.51 0.42 21.61
C ARG C 62 -14.07 0.57 20.20
N GLN D 1 23.42 -26.79 6.88
CA GLN D 1 24.26 -26.07 5.94
C GLN D 1 24.19 -26.69 4.54
N VAL D 2 24.00 -25.84 3.54
CA VAL D 2 23.93 -26.30 2.15
C VAL D 2 25.34 -26.65 1.68
N GLN D 3 25.50 -27.87 1.15
CA GLN D 3 26.82 -28.35 0.74
C GLN D 3 26.68 -29.20 -0.50
N LEU D 4 27.57 -28.98 -1.47
CA LEU D 4 27.58 -29.74 -2.72
C LEU D 4 29.00 -30.08 -3.09
N GLN D 5 29.17 -31.22 -3.77
CA GLN D 5 30.48 -31.72 -4.16
C GLN D 5 30.45 -32.12 -5.63
N GLU D 6 31.63 -32.14 -6.24
CA GLU D 6 31.80 -32.52 -7.64
C GLU D 6 32.92 -33.53 -7.77
N SER D 7 32.77 -34.43 -8.74
CA SER D 7 33.80 -35.43 -9.02
C SER D 7 33.59 -35.99 -10.42
N GLY D 8 34.65 -36.56 -10.97
CA GLY D 8 34.56 -37.22 -12.26
C GLY D 8 35.27 -36.52 -13.39
N GLY D 9 36.38 -35.85 -13.10
CA GLY D 9 37.16 -35.16 -14.11
C GLY D 9 38.40 -35.94 -14.52
N GLY D 10 39.10 -35.39 -15.51
CA GLY D 10 40.32 -36.01 -15.98
C GLY D 10 40.72 -35.47 -17.34
N LEU D 11 41.74 -36.09 -17.91
CA LEU D 11 42.26 -35.75 -19.23
C LEU D 11 41.92 -36.86 -20.20
N VAL D 12 41.26 -36.50 -21.31
CA VAL D 12 40.84 -37.47 -22.31
C VAL D 12 41.22 -36.96 -23.69
N GLN D 13 41.31 -37.89 -24.64
CA GLN D 13 41.56 -37.65 -26.06
C GLN D 13 40.24 -37.39 -26.79
N PRO D 14 40.28 -36.69 -27.93
CA PRO D 14 39.04 -36.44 -28.69
C PRO D 14 38.31 -37.74 -29.03
N GLY D 15 37.12 -37.91 -28.48
CA GLY D 15 36.37 -39.14 -28.65
C GLY D 15 36.46 -40.04 -27.44
N GLY D 16 35.40 -40.07 -26.64
CA GLY D 16 35.40 -40.86 -25.43
C GLY D 16 34.14 -40.58 -24.62
N SER D 17 34.18 -41.06 -23.37
CA SER D 17 33.04 -40.89 -22.47
C SER D 17 33.54 -40.77 -21.04
N LEU D 18 32.79 -40.03 -20.23
CA LEU D 18 33.08 -39.90 -18.81
C LEU D 18 31.80 -39.44 -18.11
N ARG D 19 31.80 -39.56 -16.79
CA ARG D 19 30.62 -39.24 -15.98
C ARG D 19 30.96 -38.21 -14.92
N LEU D 20 29.91 -37.62 -14.36
CA LEU D 20 30.03 -36.64 -13.30
C LEU D 20 29.00 -36.94 -12.22
N SER D 21 29.27 -36.46 -11.00
CA SER D 21 28.39 -36.67 -9.88
C SER D 21 28.30 -35.40 -9.04
N CYS D 22 27.14 -35.20 -8.42
CA CYS D 22 26.88 -34.03 -7.57
C CYS D 22 26.14 -34.52 -6.33
N ALA D 23 26.90 -34.77 -5.25
CA ALA D 23 26.33 -35.27 -4.02
C ALA D 23 25.77 -34.10 -3.20
N ALA D 24 24.52 -34.23 -2.77
CA ALA D 24 23.82 -33.16 -2.08
C ALA D 24 23.51 -33.57 -0.64
N SER D 25 23.49 -32.57 0.24
CA SER D 25 23.20 -32.79 1.65
C SER D 25 22.73 -31.48 2.27
N GLY D 26 22.11 -31.59 3.44
CA GLY D 26 21.67 -30.44 4.21
C GLY D 26 20.30 -29.91 3.90
N PHE D 27 19.57 -30.54 2.98
CA PHE D 27 18.22 -30.08 2.65
C PHE D 27 17.45 -31.23 2.02
N THR D 28 16.14 -31.01 1.83
CA THR D 28 15.27 -32.01 1.23
C THR D 28 15.50 -32.01 -0.28
N PHE D 29 16.07 -33.11 -0.79
CA PHE D 29 16.47 -33.16 -2.19
C PHE D 29 15.29 -33.30 -3.14
N SER D 30 14.11 -33.67 -2.64
CA SER D 30 12.99 -33.99 -3.50
C SER D 30 12.08 -32.80 -3.80
N ASN D 31 12.41 -31.60 -3.31
CA ASN D 31 11.54 -30.45 -3.46
C ASN D 31 12.20 -29.31 -4.24
N TYR D 32 13.27 -29.59 -4.98
CA TYR D 32 14.00 -28.54 -5.67
C TYR D 32 14.30 -28.94 -7.10
N LYS D 33 14.71 -27.95 -7.89
CA LYS D 33 15.06 -28.12 -9.30
C LYS D 33 16.59 -28.08 -9.43
N MET D 34 17.12 -28.86 -10.35
CA MET D 34 18.57 -28.99 -10.51
C MET D 34 19.00 -28.53 -11.89
N ASN D 35 20.19 -27.93 -11.94
CA ASN D 35 20.75 -27.42 -13.18
C ASN D 35 22.23 -27.78 -13.26
N TRP D 36 22.79 -27.65 -14.46
CA TRP D 36 24.23 -27.76 -14.68
C TRP D 36 24.69 -26.50 -15.41
N VAL D 37 25.76 -25.89 -14.89
CA VAL D 37 26.27 -24.63 -15.41
C VAL D 37 27.76 -24.76 -15.66
N ARG D 38 28.23 -24.28 -16.80
CA ARG D 38 29.63 -24.38 -17.21
C ARG D 38 30.12 -23.02 -17.67
N GLN D 39 31.34 -22.66 -17.25
CA GLN D 39 31.98 -21.43 -17.69
C GLN D 39 33.22 -21.76 -18.51
N ALA D 40 33.38 -21.07 -19.62
CA ALA D 40 34.52 -21.28 -20.51
C ALA D 40 35.78 -20.65 -19.93
N PRO D 41 36.96 -21.11 -20.36
CA PRO D 41 38.20 -20.50 -19.84
C PRO D 41 38.47 -19.11 -20.42
N GLY D 42 37.79 -18.12 -19.84
CA GLY D 42 37.96 -16.75 -20.26
C GLY D 42 36.65 -16.05 -20.54
N LYS D 43 35.58 -16.83 -20.70
CA LYS D 43 34.25 -16.32 -20.98
C LYS D 43 33.41 -16.38 -19.69
N GLY D 44 32.13 -16.02 -19.82
CA GLY D 44 31.22 -16.08 -18.69
C GLY D 44 30.55 -17.44 -18.57
N LEU D 45 29.80 -17.58 -17.48
CA LEU D 45 29.09 -18.83 -17.22
C LEU D 45 27.97 -19.04 -18.24
N GLU D 46 27.75 -20.29 -18.62
CA GLU D 46 26.78 -20.64 -19.64
C GLU D 46 25.88 -21.77 -19.16
N TRP D 47 24.58 -21.64 -19.43
CA TRP D 47 23.62 -22.68 -19.12
C TRP D 47 23.85 -23.90 -20.01
N VAL D 48 23.64 -25.09 -19.44
CA VAL D 48 23.91 -26.32 -20.19
C VAL D 48 22.70 -27.24 -20.21
N SER D 49 22.19 -27.63 -19.04
CA SER D 49 21.12 -28.63 -18.97
C SER D 49 20.14 -28.23 -17.88
N ASP D 50 19.24 -29.14 -17.54
CA ASP D 50 18.18 -28.90 -16.56
C ASP D 50 17.47 -30.22 -16.28
N ILE D 51 16.79 -30.26 -15.12
CA ILE D 51 15.96 -31.40 -14.75
C ILE D 51 15.05 -30.94 -13.62
N SER D 52 13.87 -31.55 -13.53
CA SER D 52 12.84 -31.10 -12.60
C SER D 52 12.70 -32.06 -11.42
N GLN D 53 11.72 -31.77 -10.56
CA GLN D 53 11.53 -32.56 -9.35
C GLN D 53 10.96 -33.94 -9.65
N SER D 54 9.93 -34.00 -10.51
CA SER D 54 9.26 -35.27 -10.78
C SER D 54 10.17 -36.24 -11.49
N GLY D 55 10.81 -35.80 -12.57
CA GLY D 55 11.73 -36.66 -13.29
C GLY D 55 11.66 -36.53 -14.80
N ALA D 56 10.57 -35.96 -15.32
CA ALA D 56 10.39 -35.78 -16.77
C ALA D 56 10.01 -34.34 -17.07
N SER D 57 11.04 -33.48 -17.13
CA SER D 57 10.92 -32.15 -17.72
C SER D 57 12.23 -31.76 -18.41
N ILE D 58 12.95 -32.75 -18.95
CA ILE D 58 14.33 -32.56 -19.36
C ILE D 58 14.43 -31.50 -20.45
N SER D 59 15.48 -30.69 -20.39
CA SER D 59 15.77 -29.67 -21.38
C SER D 59 17.27 -29.60 -21.59
N TYR D 60 17.67 -29.15 -22.78
CA TYR D 60 19.08 -29.02 -23.14
C TYR D 60 19.30 -27.69 -23.84
N THR D 61 20.54 -27.45 -24.23
CA THR D 61 20.89 -26.33 -25.10
C THR D 61 21.13 -26.84 -26.51
N GLY D 62 21.18 -25.91 -27.47
CA GLY D 62 21.26 -26.29 -28.86
C GLY D 62 22.54 -27.02 -29.23
N SER D 63 23.66 -26.67 -28.61
CA SER D 63 24.96 -27.16 -29.04
C SER D 63 25.33 -28.52 -28.45
N VAL D 64 24.49 -29.10 -27.59
CA VAL D 64 24.80 -30.37 -26.96
C VAL D 64 23.74 -31.43 -27.22
N LYS D 65 22.73 -31.10 -28.01
CA LYS D 65 21.64 -32.05 -28.26
C LYS D 65 22.15 -33.30 -28.97
N GLY D 66 21.66 -34.45 -28.53
CA GLY D 66 22.06 -35.73 -29.09
C GLY D 66 23.35 -36.30 -28.53
N ARG D 67 23.97 -35.65 -27.56
CA ARG D 67 25.23 -36.12 -26.99
C ARG D 67 25.26 -36.13 -25.47
N PHE D 68 24.37 -35.41 -24.79
CA PHE D 68 24.39 -35.30 -23.34
C PHE D 68 23.11 -35.88 -22.76
N THR D 69 23.22 -36.43 -21.55
CA THR D 69 22.09 -37.01 -20.84
C THR D 69 22.18 -36.62 -19.37
N ILE D 70 21.05 -36.26 -18.78
CA ILE D 70 20.98 -35.84 -17.39
C ILE D 70 19.89 -36.63 -16.69
N SER D 71 20.20 -37.14 -15.50
CA SER D 71 19.25 -37.91 -14.71
C SER D 71 19.55 -37.71 -13.23
N ARG D 72 18.54 -37.98 -12.40
CA ARG D 72 18.66 -37.81 -10.96
C ARG D 72 18.15 -39.06 -10.25
N ASP D 73 18.66 -39.27 -9.04
CA ASP D 73 18.29 -40.41 -8.21
C ASP D 73 17.80 -39.86 -6.86
N ASN D 74 16.49 -39.80 -6.69
CA ASN D 74 15.92 -39.17 -5.50
C ASN D 74 16.14 -40.00 -4.24
N ALA D 75 16.43 -41.29 -4.37
CA ALA D 75 16.59 -42.16 -3.20
C ALA D 75 17.97 -42.08 -2.57
N LYS D 76 18.92 -41.36 -3.20
CA LYS D 76 20.27 -41.25 -2.68
C LYS D 76 20.80 -39.83 -2.69
N ASN D 77 20.03 -38.86 -3.18
CA ASN D 77 20.44 -37.46 -3.27
C ASN D 77 21.71 -37.33 -4.12
N THR D 78 21.59 -37.72 -5.38
CA THR D 78 22.72 -37.70 -6.30
C THR D 78 22.25 -37.23 -7.67
N LEU D 79 23.05 -36.38 -8.31
CA LEU D 79 22.79 -35.89 -9.65
C LEU D 79 23.87 -36.41 -10.60
N TYR D 80 23.47 -36.78 -11.81
CA TYR D 80 24.36 -37.41 -12.77
C TYR D 80 24.34 -36.66 -14.10
N LEU D 81 25.38 -36.90 -14.89
CA LEU D 81 25.47 -36.34 -16.24
C LEU D 81 26.34 -37.28 -17.06
N GLN D 82 25.74 -37.92 -18.06
CA GLN D 82 26.45 -38.82 -18.96
C GLN D 82 26.69 -38.12 -20.28
N MET D 83 27.96 -37.93 -20.62
CA MET D 83 28.36 -37.24 -21.84
C MET D 83 29.39 -38.06 -22.58
N ASN D 84 29.22 -38.16 -23.90
CA ASN D 84 30.07 -38.99 -24.74
C ASN D 84 30.28 -38.30 -26.09
N SER D 85 31.27 -38.79 -26.83
CA SER D 85 31.66 -38.25 -28.13
C SER D 85 31.92 -36.75 -28.03
N LEU D 86 32.94 -36.41 -27.24
CA LEU D 86 33.26 -35.02 -26.97
C LEU D 86 34.02 -34.40 -28.14
N LYS D 87 34.20 -33.08 -28.05
CA LYS D 87 34.87 -32.28 -29.06
C LYS D 87 35.95 -31.44 -28.40
N PRO D 88 36.98 -31.03 -29.14
CA PRO D 88 38.08 -30.28 -28.53
C PRO D 88 37.68 -28.93 -27.96
N GLU D 89 36.49 -28.42 -28.28
CA GLU D 89 36.05 -27.12 -27.80
C GLU D 89 35.48 -27.17 -26.38
N ASP D 90 35.34 -28.36 -25.79
CA ASP D 90 34.77 -28.52 -24.46
C ASP D 90 35.93 -28.74 -23.49
N THR D 91 36.51 -27.64 -23.01
CA THR D 91 37.65 -27.66 -22.08
C THR D 91 37.40 -26.70 -20.93
N ALA D 92 36.22 -26.80 -20.33
CA ALA D 92 35.75 -25.83 -19.35
C ALA D 92 35.54 -26.50 -17.99
N VAL D 93 34.98 -25.73 -17.06
CA VAL D 93 34.76 -26.15 -15.68
C VAL D 93 33.26 -26.19 -15.42
N TYR D 94 32.79 -27.27 -14.81
CA TYR D 94 31.36 -27.51 -14.61
C TYR D 94 30.98 -27.32 -13.15
N TYR D 95 29.74 -26.87 -12.93
CA TYR D 95 29.21 -26.64 -11.60
C TYR D 95 27.82 -27.26 -11.49
N CYS D 96 27.37 -27.43 -10.24
CA CYS D 96 26.08 -28.05 -9.93
C CYS D 96 25.31 -27.08 -9.05
N ALA D 97 24.32 -26.40 -9.64
CA ALA D 97 23.57 -25.35 -8.97
C ALA D 97 22.12 -25.76 -8.77
N ARG D 98 21.43 -25.05 -7.89
CA ARG D 98 20.03 -25.31 -7.59
C ARG D 98 19.27 -23.99 -7.53
N CYS D 99 17.96 -24.08 -7.80
CA CYS D 99 17.13 -22.88 -7.74
C CYS D 99 16.83 -22.53 -6.28
N PRO D 100 16.63 -21.23 -5.99
CA PRO D 100 16.55 -20.79 -4.58
C PRO D 100 15.36 -21.34 -3.79
N ALA D 101 14.14 -21.17 -4.31
CA ALA D 101 12.97 -21.50 -3.51
C ALA D 101 12.30 -22.78 -4.02
N PRO D 102 11.65 -23.54 -3.15
CA PRO D 102 10.96 -24.76 -3.60
C PRO D 102 9.58 -24.48 -4.16
N PHE D 103 9.08 -25.46 -4.92
CA PHE D 103 7.77 -25.40 -5.56
C PHE D 103 7.66 -24.18 -6.48
N THR D 104 8.72 -23.92 -7.24
CA THR D 104 8.76 -22.79 -8.15
C THR D 104 8.99 -23.29 -9.58
N ARG D 105 8.79 -22.39 -10.53
CA ARG D 105 9.01 -22.66 -11.95
C ARG D 105 10.06 -21.76 -12.57
N ASP D 106 10.77 -20.96 -11.77
CA ASP D 106 11.76 -20.03 -12.28
C ASP D 106 12.90 -19.91 -11.27
N CYS D 107 14.10 -19.64 -11.77
CA CYS D 107 15.25 -19.38 -10.91
C CYS D 107 16.30 -18.62 -11.68
N PHE D 108 17.20 -17.98 -10.93
CA PHE D 108 18.22 -17.08 -11.47
C PHE D 108 19.58 -17.55 -10.99
N ASP D 109 20.23 -18.42 -11.76
CA ASP D 109 21.44 -19.12 -11.34
C ASP D 109 22.73 -18.50 -11.89
N VAL D 110 22.74 -18.07 -13.14
CA VAL D 110 23.97 -17.57 -13.76
C VAL D 110 24.24 -16.17 -13.20
N THR D 111 25.20 -16.08 -12.28
CA THR D 111 25.54 -14.82 -11.64
C THR D 111 27.05 -14.80 -11.40
N SER D 112 27.64 -13.61 -11.43
CA SER D 112 29.08 -13.44 -11.36
C SER D 112 29.54 -13.68 -9.92
N THR D 113 29.74 -14.95 -9.58
CA THR D 113 30.35 -15.42 -8.34
C THR D 113 29.63 -14.94 -7.09
N THR D 114 28.41 -14.41 -7.20
CA THR D 114 27.68 -13.88 -6.06
C THR D 114 26.49 -14.77 -5.73
N TYR D 115 26.54 -16.03 -6.13
CA TYR D 115 25.48 -16.99 -5.83
C TYR D 115 25.99 -17.96 -4.76
N ALA D 116 25.20 -18.12 -3.69
CA ALA D 116 25.62 -18.90 -2.54
C ALA D 116 25.42 -20.40 -2.72
N TYR D 117 24.36 -20.82 -3.41
CA TYR D 117 24.06 -22.25 -3.57
C TYR D 117 24.67 -22.74 -4.88
N ARG D 118 25.96 -23.06 -4.81
CA ARG D 118 26.67 -23.60 -5.97
C ARG D 118 27.84 -24.44 -5.48
N GLY D 119 28.33 -25.31 -6.35
CA GLY D 119 29.43 -26.20 -6.04
C GLY D 119 30.79 -25.53 -6.18
N GLN D 120 31.83 -26.34 -6.00
CA GLN D 120 33.19 -25.85 -6.12
C GLN D 120 33.74 -25.97 -7.54
N GLY D 121 33.30 -26.98 -8.29
CA GLY D 121 33.70 -27.14 -9.67
C GLY D 121 34.76 -28.20 -9.86
N THR D 122 34.81 -28.74 -11.08
CA THR D 122 35.80 -29.75 -11.45
C THR D 122 36.38 -29.39 -12.81
N GLN D 123 37.59 -29.87 -13.05
CA GLN D 123 38.34 -29.54 -14.26
C GLN D 123 38.25 -30.69 -15.25
N VAL D 124 37.95 -30.36 -16.51
CA VAL D 124 37.86 -31.34 -17.59
C VAL D 124 38.75 -30.87 -18.74
N THR D 125 39.62 -31.76 -19.21
CA THR D 125 40.51 -31.49 -20.33
C THR D 125 40.29 -32.51 -21.42
N VAL D 126 40.08 -32.02 -22.65
CA VAL D 126 39.81 -32.89 -23.79
C VAL D 126 40.81 -32.72 -24.92
N SER D 127 41.48 -31.56 -25.03
CA SER D 127 42.42 -31.35 -26.13
C SER D 127 43.56 -32.36 -26.07
N SER D 128 44.12 -32.59 -24.88
CA SER D 128 45.21 -33.54 -24.73
C SER D 128 45.35 -33.97 -23.27
N GLY E 32 -55.39 -13.98 -6.63
CA GLY E 32 -54.57 -13.17 -5.74
C GLY E 32 -53.49 -13.97 -5.04
N VAL E 33 -53.63 -15.29 -5.07
CA VAL E 33 -52.64 -16.16 -4.43
C VAL E 33 -51.30 -16.04 -5.14
N ILE E 34 -51.32 -15.88 -6.46
CA ILE E 34 -50.08 -15.72 -7.22
C ILE E 34 -49.38 -14.43 -6.83
N LEU E 35 -50.14 -13.34 -6.67
CA LEU E 35 -49.53 -12.06 -6.31
C LEU E 35 -48.92 -12.11 -4.90
N ALA E 36 -49.58 -12.81 -3.97
CA ALA E 36 -49.05 -12.90 -2.62
C ALA E 36 -47.69 -13.58 -2.61
N VAL E 37 -47.53 -14.67 -3.39
CA VAL E 37 -46.23 -15.28 -3.55
C VAL E 37 -45.30 -14.35 -4.33
N LEU E 38 -45.84 -13.66 -5.34
CA LEU E 38 -45.05 -12.73 -6.14
C LEU E 38 -44.53 -11.57 -5.28
N ALA E 39 -45.38 -11.07 -4.38
CA ALA E 39 -44.99 -9.93 -3.56
C ALA E 39 -43.84 -10.28 -2.62
N SER E 40 -43.85 -11.47 -2.04
CA SER E 40 -42.78 -11.86 -1.13
C SER E 40 -41.47 -12.08 -1.85
N LEU E 41 -41.50 -12.73 -3.02
CA LEU E 41 -40.27 -13.04 -3.74
C LEU E 41 -39.56 -11.78 -4.21
N ILE E 42 -40.31 -10.79 -4.67
CA ILE E 42 -39.70 -9.58 -5.25
C ILE E 42 -38.90 -8.84 -4.19
N ILE E 43 -39.47 -8.68 -2.99
CA ILE E 43 -38.78 -7.97 -1.92
C ILE E 43 -37.63 -8.80 -1.38
N ALA E 44 -37.86 -10.11 -1.22
CA ALA E 44 -36.90 -10.95 -0.50
C ALA E 44 -35.57 -11.08 -1.24
N THR E 45 -35.63 -11.39 -2.54
CA THR E 45 -34.39 -11.62 -3.29
C THR E 45 -33.62 -10.32 -3.49
N ASN E 46 -34.31 -9.19 -3.46
CA ASN E 46 -33.65 -7.92 -3.79
C ASN E 46 -32.99 -7.29 -2.57
N THR E 47 -33.55 -7.50 -1.37
CA THR E 47 -32.95 -6.90 -0.18
C THR E 47 -31.64 -7.58 0.19
N LEU E 48 -31.53 -8.88 -0.07
CA LEU E 48 -30.30 -9.61 0.25
C LEU E 48 -29.17 -9.18 -0.68
N VAL E 49 -29.50 -8.83 -1.92
CA VAL E 49 -28.48 -8.40 -2.87
C VAL E 49 -27.93 -7.03 -2.48
N ALA E 50 -28.81 -6.12 -2.05
CA ALA E 50 -28.37 -4.76 -1.73
C ALA E 50 -27.47 -4.74 -0.51
N VAL E 51 -27.60 -5.73 0.39
CA VAL E 51 -26.72 -5.81 1.54
C VAL E 51 -25.30 -6.12 1.09
N ALA E 52 -25.15 -7.08 0.17
CA ALA E 52 -23.82 -7.45 -0.30
C ALA E 52 -23.18 -6.33 -1.11
N VAL E 53 -23.95 -5.68 -1.98
CA VAL E 53 -23.39 -4.64 -2.84
C VAL E 53 -22.91 -3.46 -2.01
N LEU E 54 -23.71 -3.06 -1.01
CA LEU E 54 -23.32 -1.92 -0.18
C LEU E 54 -22.05 -2.21 0.61
N LEU E 55 -21.85 -3.46 1.01
CA LEU E 55 -20.60 -3.83 1.68
C LEU E 55 -19.42 -3.78 0.72
N LEU E 56 -19.62 -4.26 -0.51
CA LEU E 56 -18.55 -4.23 -1.50
C LEU E 56 -18.17 -2.81 -1.87
N ILE E 57 -19.12 -1.88 -1.81
CA ILE E 57 -18.86 -0.49 -2.18
C ILE E 57 -17.87 0.15 -1.21
N HIS E 58 -18.03 -0.14 0.08
CA HIS E 58 -17.23 0.55 1.09
C HIS E 58 -15.74 0.22 0.94
N LYS E 59 -15.41 -1.07 0.83
CA LYS E 59 -14.01 -1.48 0.70
C LYS E 59 -13.59 -1.61 -0.77
N ASN E 60 -13.88 -0.57 -1.55
CA ASN E 60 -13.54 -0.49 -2.97
C ASN E 60 -13.91 0.91 -3.45
N ASP E 61 -13.61 1.19 -4.72
CA ASP E 61 -13.95 2.48 -5.31
C ASP E 61 -14.19 2.26 -6.81
N GLY E 62 -15.46 2.12 -7.17
CA GLY E 62 -15.83 1.95 -8.57
C GLY E 62 -17.17 2.59 -8.85
N VAL E 63 -17.32 3.09 -10.08
CA VAL E 63 -18.58 3.72 -10.49
C VAL E 63 -19.59 2.72 -11.03
N SER E 64 -19.18 1.49 -11.31
CA SER E 64 -20.08 0.44 -11.76
C SER E 64 -20.77 -0.27 -10.61
N LEU E 65 -20.60 0.23 -9.38
CA LEU E 65 -21.27 -0.32 -8.22
C LEU E 65 -22.32 0.60 -7.62
N CYS E 66 -22.26 1.91 -7.88
CA CYS E 66 -23.30 2.81 -7.43
C CYS E 66 -24.60 2.60 -8.22
N PHE E 67 -24.48 2.23 -9.49
CA PHE E 67 -25.67 2.02 -10.31
C PHE E 67 -26.38 0.72 -9.98
N THR E 68 -25.64 -0.32 -9.60
CA THR E 68 -26.28 -1.58 -9.22
C THR E 68 -27.05 -1.43 -7.92
N LEU E 69 -26.67 -0.48 -7.08
CA LEU E 69 -27.44 -0.20 -5.88
C LEU E 69 -28.78 0.43 -6.22
N ASN E 70 -28.80 1.30 -7.23
CA ASN E 70 -30.06 1.90 -7.66
C ASN E 70 -31.01 0.85 -8.24
N LEU E 71 -30.46 -0.10 -9.00
CA LEU E 71 -31.30 -1.11 -9.65
C LEU E 71 -32.02 -1.97 -8.61
N ALA E 72 -31.32 -2.36 -7.54
CA ALA E 72 -31.96 -3.16 -6.50
C ALA E 72 -33.01 -2.35 -5.75
N VAL E 73 -32.77 -1.05 -5.59
CA VAL E 73 -33.74 -0.20 -4.91
C VAL E 73 -34.98 0.00 -5.76
N ALA E 74 -34.80 0.22 -7.07
CA ALA E 74 -35.94 0.46 -7.95
C ALA E 74 -36.82 -0.77 -8.07
N ASP E 75 -36.24 -1.97 -8.00
CA ASP E 75 -37.04 -3.19 -8.07
C ASP E 75 -37.82 -3.42 -6.78
N THR E 76 -37.27 -2.97 -5.64
CA THR E 76 -37.93 -3.19 -4.37
C THR E 76 -39.23 -2.40 -4.26
N LEU E 77 -39.21 -1.13 -4.65
CA LEU E 77 -40.38 -0.27 -4.47
C LEU E 77 -41.52 -0.69 -5.39
N ILE E 78 -41.21 -1.37 -6.49
CA ILE E 78 -42.27 -1.87 -7.36
C ILE E 78 -43.08 -2.95 -6.65
N GLY E 79 -42.39 -3.88 -5.97
CA GLY E 79 -43.09 -4.95 -5.28
C GLY E 79 -43.94 -4.46 -4.13
N VAL E 80 -43.43 -3.45 -3.40
CA VAL E 80 -44.16 -2.92 -2.25
C VAL E 80 -45.42 -2.20 -2.72
N ALA E 81 -45.31 -1.38 -3.77
CA ALA E 81 -46.44 -0.56 -4.21
C ALA E 81 -47.58 -1.43 -4.74
N ILE E 82 -47.26 -2.44 -5.56
CA ILE E 82 -48.30 -3.28 -6.12
C ILE E 82 -48.95 -4.15 -5.05
N SER E 83 -48.16 -4.58 -4.05
CA SER E 83 -48.72 -5.42 -2.99
C SER E 83 -49.60 -4.60 -2.04
N GLY E 84 -49.18 -3.38 -1.73
CA GLY E 84 -49.91 -2.54 -0.81
C GLY E 84 -51.31 -2.21 -1.29
N LEU E 85 -51.45 -1.93 -2.58
CA LEU E 85 -52.76 -1.56 -3.13
C LEU E 85 -53.78 -2.69 -3.02
N LEU E 86 -53.36 -3.92 -3.36
CA LEU E 86 -54.32 -5.02 -3.47
C LEU E 86 -54.61 -5.64 -2.10
N THR E 87 -53.59 -6.20 -1.46
CA THR E 87 -53.81 -6.98 -0.24
C THR E 87 -54.24 -6.09 0.92
N ASP E 88 -53.57 -4.94 1.10
CA ASP E 88 -53.87 -4.10 2.26
C ASP E 88 -55.24 -3.46 2.15
N GLN E 89 -55.59 -2.97 0.96
CA GLN E 89 -56.82 -2.22 0.75
C GLN E 89 -57.77 -2.96 -0.18
N LEU E 90 -57.91 -4.26 0.00
CA LEU E 90 -58.85 -5.04 -0.80
C LEU E 90 -60.29 -4.67 -0.41
N SER E 91 -61.17 -4.74 -1.40
CA SER E 91 -62.57 -4.40 -1.19
C SER E 91 -63.25 -5.39 -0.24
N LYS E 99 -63.96 10.21 -3.98
CA LYS E 99 -62.74 10.00 -3.23
C LYS E 99 -61.58 9.59 -4.15
N THR E 100 -60.50 10.36 -4.10
CA THR E 100 -59.32 10.09 -4.92
C THR E 100 -58.35 9.16 -4.18
N LEU E 101 -58.85 8.02 -3.72
CA LEU E 101 -57.98 7.04 -3.07
C LEU E 101 -57.09 6.32 -4.07
N CYS E 102 -57.66 5.89 -5.20
CA CYS E 102 -56.91 5.13 -6.18
C CYS E 102 -56.17 6.00 -7.18
N SER E 103 -56.49 7.29 -7.26
CA SER E 103 -55.89 8.15 -8.28
C SER E 103 -54.40 8.33 -8.03
N LEU E 104 -54.02 8.69 -6.81
CA LEU E 104 -52.60 8.84 -6.49
C LEU E 104 -51.89 7.50 -6.43
N ARG E 105 -52.59 6.44 -6.03
CA ARG E 105 -51.95 5.14 -5.90
C ARG E 105 -51.66 4.51 -7.26
N MET E 106 -52.30 5.01 -8.32
CA MET E 106 -51.90 4.68 -9.69
C MET E 106 -50.86 5.64 -10.23
N ALA E 107 -50.46 6.63 -9.43
CA ALA E 107 -49.34 7.52 -9.77
C ALA E 107 -48.05 7.09 -9.09
N PHE E 108 -48.10 6.16 -8.14
CA PHE E 108 -46.91 5.62 -7.51
C PHE E 108 -46.38 4.38 -8.22
N VAL E 109 -47.28 3.50 -8.66
CA VAL E 109 -46.86 2.29 -9.38
C VAL E 109 -46.22 2.66 -10.70
N THR E 110 -46.85 3.57 -11.44
CA THR E 110 -46.32 3.95 -12.76
C THR E 110 -44.96 4.63 -12.63
N SER E 111 -44.78 5.47 -11.61
CA SER E 111 -43.50 6.15 -11.43
C SER E 111 -42.38 5.17 -11.13
N SER E 112 -42.67 4.15 -10.31
CA SER E 112 -41.63 3.18 -9.97
C SER E 112 -41.20 2.37 -11.19
N ALA E 113 -42.15 2.00 -12.04
CA ALA E 113 -41.81 1.20 -13.21
C ALA E 113 -40.95 1.99 -14.20
N ALA E 114 -41.06 3.32 -14.18
CA ALA E 114 -40.24 4.14 -15.05
C ALA E 114 -38.78 4.09 -14.63
N ALA E 115 -38.51 4.05 -13.32
CA ALA E 115 -37.13 4.05 -12.85
C ALA E 115 -36.44 2.72 -13.14
N SER E 116 -37.21 1.66 -13.33
CA SER E 116 -36.62 0.35 -13.65
C SER E 116 -35.96 0.37 -15.03
N VAL E 117 -36.64 0.94 -16.01
CA VAL E 117 -36.10 0.97 -17.37
C VAL E 117 -34.93 1.95 -17.46
N LEU E 118 -35.07 3.13 -16.87
CA LEU E 118 -34.06 4.17 -17.04
C LEU E 118 -32.75 3.81 -16.33
N THR E 119 -32.83 3.06 -15.24
CA THR E 119 -31.60 2.62 -14.58
C THR E 119 -30.84 1.62 -15.43
N VAL E 120 -31.56 0.76 -16.15
CA VAL E 120 -30.91 -0.18 -17.06
C VAL E 120 -30.21 0.58 -18.18
N MET E 121 -30.81 1.67 -18.65
CA MET E 121 -30.23 2.42 -19.77
C MET E 121 -29.00 3.20 -19.33
N LEU E 122 -28.86 3.45 -18.02
CA LEU E 122 -27.67 4.14 -17.54
C LEU E 122 -26.50 3.19 -17.42
N ILE E 123 -26.76 1.91 -17.13
CA ILE E 123 -25.69 0.93 -17.01
C ILE E 123 -25.08 0.66 -18.38
N THR E 124 -25.93 0.53 -19.41
CA THR E 124 -25.43 0.23 -20.75
C THR E 124 -24.58 1.36 -21.31
N PHE E 125 -25.02 2.61 -21.13
CA PHE E 125 -24.25 3.74 -21.64
C PHE E 125 -22.92 3.90 -20.91
N ASP E 126 -22.82 3.35 -19.70
CA ASP E 126 -21.55 3.41 -18.97
C ASP E 126 -20.56 2.40 -19.56
N ARG E 127 -21.05 1.22 -19.94
CA ARG E 127 -20.17 0.21 -20.52
C ARG E 127 -19.61 0.65 -21.86
N TYR E 128 -20.41 1.34 -22.67
CA TYR E 128 -20.03 1.66 -24.03
C TYR E 128 -18.84 2.62 -24.07
N LEU E 129 -18.83 3.62 -23.19
CA LEU E 129 -17.78 4.63 -23.23
C LEU E 129 -16.41 4.09 -22.83
N ALA E 130 -16.35 3.06 -21.99
CA ALA E 130 -15.09 2.53 -21.51
C ALA E 130 -14.44 1.56 -22.48
N ILE E 131 -15.07 1.28 -23.62
CA ILE E 131 -14.52 0.37 -24.61
C ILE E 131 -14.27 1.13 -25.90
N LYS E 132 -15.03 2.21 -26.12
CA LYS E 132 -14.86 3.03 -27.31
C LYS E 132 -13.89 4.19 -27.09
N GLN E 133 -13.80 4.73 -25.87
CA GLN E 133 -12.91 5.84 -25.55
C GLN E 133 -12.10 5.48 -24.32
N PRO E 134 -11.14 4.55 -24.46
CA PRO E 134 -10.44 4.05 -23.27
C PRO E 134 -9.67 5.12 -22.50
N PHE E 135 -9.07 6.09 -23.20
CA PHE E 135 -8.17 7.04 -22.55
C PHE E 135 -8.90 8.27 -22.03
N ARG E 136 -9.97 8.69 -22.68
CA ARG E 136 -10.72 9.87 -22.25
C ARG E 136 -11.79 9.55 -21.22
N TYR E 137 -11.93 8.29 -20.81
CA TYR E 137 -12.89 7.93 -19.77
C TYR E 137 -12.25 7.87 -18.39
N LEU E 138 -10.95 7.62 -18.31
CA LEU E 138 -10.28 7.50 -17.02
C LEU E 138 -10.18 8.83 -16.31
N LYS E 139 -9.96 9.92 -17.06
CA LYS E 139 -9.67 11.21 -16.46
C LYS E 139 -10.89 12.10 -16.28
N ILE E 140 -12.06 11.69 -16.75
CA ILE E 140 -13.26 12.52 -16.60
C ILE E 140 -14.30 11.91 -15.67
N MET E 141 -14.30 10.59 -15.49
CA MET E 141 -15.26 9.93 -14.61
C MET E 141 -14.77 9.97 -13.17
N SER E 142 -15.62 10.44 -12.26
CA SER E 142 -15.25 10.61 -10.88
C SER E 142 -16.47 10.37 -10.00
N GLY E 143 -16.24 10.41 -8.69
CA GLY E 143 -17.34 10.22 -7.75
C GLY E 143 -18.37 11.32 -7.80
N PHE E 144 -17.94 12.56 -8.04
CA PHE E 144 -18.88 13.67 -8.11
C PHE E 144 -19.82 13.51 -9.31
N VAL E 145 -19.30 13.06 -10.44
CA VAL E 145 -20.13 12.94 -11.64
C VAL E 145 -21.16 11.83 -11.46
N ALA E 146 -20.78 10.74 -10.81
CA ALA E 146 -21.70 9.62 -10.62
C ALA E 146 -22.89 10.04 -9.75
N GLY E 147 -22.64 10.84 -8.71
CA GLY E 147 -23.72 11.28 -7.85
C GLY E 147 -24.71 12.19 -8.58
N ALA E 148 -24.21 13.00 -9.52
CA ALA E 148 -25.08 13.91 -10.24
C ALA E 148 -26.10 13.16 -11.10
N CYS E 149 -25.69 12.04 -11.70
CA CYS E 149 -26.59 11.28 -12.55
C CYS E 149 -27.72 10.64 -11.75
N ILE E 150 -27.40 10.14 -10.55
CA ILE E 150 -28.40 9.42 -9.76
C ILE E 150 -29.46 10.38 -9.23
N ALA E 151 -29.04 11.53 -8.71
CA ALA E 151 -30.00 12.48 -8.15
C ALA E 151 -30.92 13.03 -9.23
N GLY E 152 -30.38 13.32 -10.42
CA GLY E 152 -31.20 13.82 -11.50
C GLY E 152 -32.09 12.76 -12.09
N LEU E 153 -31.74 11.49 -11.91
CA LEU E 153 -32.58 10.40 -12.43
C LEU E 153 -33.94 10.39 -11.76
N TRP E 154 -33.99 10.59 -10.44
CA TRP E 154 -35.24 10.45 -9.71
C TRP E 154 -36.18 11.62 -9.95
N LEU E 155 -35.64 12.81 -10.22
CA LEU E 155 -36.49 13.97 -10.45
C LEU E 155 -37.35 13.81 -11.70
N VAL E 156 -36.76 13.31 -12.79
CA VAL E 156 -37.52 13.15 -14.04
C VAL E 156 -38.63 12.12 -13.87
N SER E 157 -38.34 11.00 -13.20
CA SER E 157 -39.33 9.95 -13.03
C SER E 157 -40.50 10.38 -12.15
N TYR E 158 -40.34 11.45 -11.36
CA TYR E 158 -41.44 11.92 -10.52
C TYR E 158 -42.54 12.57 -11.35
N LEU E 159 -42.16 13.44 -12.29
CA LEU E 159 -43.15 14.11 -13.12
C LEU E 159 -43.78 13.19 -14.16
N ILE E 160 -43.26 11.98 -14.36
CA ILE E 160 -43.87 11.04 -15.28
C ILE E 160 -45.20 10.53 -14.72
N GLY E 161 -45.27 10.32 -13.41
CA GLY E 161 -46.46 9.76 -12.81
C GLY E 161 -47.36 10.75 -12.10
N PHE E 162 -46.79 11.85 -11.60
CA PHE E 162 -47.57 12.82 -10.85
C PHE E 162 -48.28 13.83 -11.74
N LEU E 163 -47.62 14.28 -12.81
CA LEU E 163 -48.21 15.28 -13.69
C LEU E 163 -49.48 14.82 -14.40
N PRO E 164 -49.58 13.57 -14.96
CA PRO E 164 -50.71 13.25 -15.85
C PRO E 164 -52.09 13.58 -15.30
N LEU E 165 -52.33 13.35 -14.01
CA LEU E 165 -53.62 13.70 -13.44
C LEU E 165 -53.89 15.20 -13.47
N GLY E 166 -52.83 16.02 -13.55
CA GLY E 166 -53.04 17.45 -13.67
C GLY E 166 -53.66 17.85 -15.00
N ILE E 167 -53.25 17.18 -16.08
CA ILE E 167 -53.77 17.51 -17.41
C ILE E 167 -55.15 16.90 -17.57
N PRO E 168 -56.17 17.70 -17.90
CA PRO E 168 -57.52 17.13 -18.08
C PRO E 168 -57.63 16.11 -19.18
N MET E 169 -56.76 16.16 -20.19
CA MET E 169 -56.90 15.29 -21.35
C MET E 169 -56.78 13.82 -20.98
N PHE E 170 -55.80 13.50 -20.13
CA PHE E 170 -55.54 12.10 -19.77
C PHE E 170 -56.26 11.75 -18.47
N GLN E 171 -57.58 11.62 -18.59
CA GLN E 171 -58.41 11.28 -17.44
C GLN E 171 -59.71 10.67 -17.92
N GLN E 172 -60.16 9.63 -17.22
CA GLN E 172 -61.44 9.00 -17.51
C GLN E 172 -62.53 9.64 -16.65
N THR E 173 -63.72 9.03 -16.63
CA THR E 173 -64.83 9.56 -15.86
C THR E 173 -65.64 8.38 -15.33
N ALA E 174 -66.75 8.72 -14.65
CA ALA E 174 -67.66 7.73 -14.06
C ALA E 174 -66.92 6.78 -13.11
N TYR E 175 -66.08 7.36 -12.26
CA TYR E 175 -65.32 6.57 -11.31
C TYR E 175 -66.24 5.92 -10.29
N LYS E 176 -65.87 4.72 -9.86
CA LYS E 176 -66.66 3.94 -8.91
C LYS E 176 -65.73 2.93 -8.24
N GLY E 177 -66.31 1.96 -7.55
CA GLY E 177 -65.55 0.92 -6.89
C GLY E 177 -64.91 -0.07 -7.85
N GLN E 178 -64.43 -1.19 -7.33
CA GLN E 178 -63.72 -2.20 -8.11
C GLN E 178 -62.53 -1.56 -8.82
N CYS E 179 -61.57 -1.09 -8.02
CA CYS E 179 -60.45 -0.32 -8.53
C CYS E 179 -59.60 -1.16 -9.49
N SER E 180 -59.12 -0.52 -10.55
CA SER E 180 -58.28 -1.17 -11.55
C SER E 180 -57.45 -0.09 -12.24
N PHE E 181 -56.42 -0.54 -12.96
CA PHE E 181 -55.53 0.40 -13.63
C PHE E 181 -56.29 1.21 -14.68
N PHE E 182 -57.12 0.54 -15.47
CA PHE E 182 -57.82 1.22 -16.56
C PHE E 182 -58.97 2.09 -16.06
N ALA E 183 -59.48 1.83 -14.86
CA ALA E 183 -60.63 2.57 -14.37
C ALA E 183 -60.30 4.04 -14.15
N VAL E 184 -59.10 4.32 -13.61
CA VAL E 184 -58.73 5.67 -13.19
C VAL E 184 -57.70 6.30 -14.11
N PHE E 185 -57.57 5.81 -15.34
CA PHE E 185 -56.63 6.37 -16.30
C PHE E 185 -57.17 6.21 -17.71
N HIS E 186 -56.78 7.16 -18.59
CA HIS E 186 -57.13 7.27 -20.00
C HIS E 186 -56.16 6.47 -20.86
N PRO E 187 -56.68 5.62 -21.75
CA PRO E 187 -55.78 4.82 -22.60
C PRO E 187 -54.90 5.64 -23.54
N HIS E 188 -55.28 6.88 -23.85
CA HIS E 188 -54.43 7.72 -24.68
C HIS E 188 -53.11 8.01 -24.01
N PHE E 189 -53.12 8.21 -22.69
CA PHE E 189 -51.89 8.55 -21.98
C PHE E 189 -50.87 7.42 -22.05
N VAL E 190 -51.33 6.18 -21.90
CA VAL E 190 -50.38 5.08 -21.72
C VAL E 190 -49.89 4.57 -23.07
N LEU E 191 -50.70 4.72 -24.12
CA LEU E 191 -50.25 4.31 -25.46
C LEU E 191 -49.31 5.34 -26.06
N THR E 192 -49.60 6.63 -25.85
CA THR E 192 -48.74 7.68 -26.39
C THR E 192 -47.37 7.68 -25.73
N LEU E 193 -47.32 7.49 -24.41
CA LEU E 193 -46.05 7.50 -23.70
C LEU E 193 -45.13 6.39 -24.21
N SER E 194 -45.69 5.21 -24.47
CA SER E 194 -44.89 4.11 -24.97
C SER E 194 -44.28 4.45 -26.33
N CYS E 195 -45.04 5.12 -27.19
CA CYS E 195 -44.57 5.48 -28.51
C CYS E 195 -43.36 6.41 -28.44
N VAL E 196 -43.46 7.45 -27.61
CA VAL E 196 -42.37 8.43 -27.52
C VAL E 196 -41.28 7.91 -26.60
N GLY E 197 -41.65 7.15 -25.57
CA GLY E 197 -40.68 6.72 -24.58
C GLY E 197 -39.91 5.49 -25.02
N PHE E 198 -40.62 4.39 -25.28
CA PHE E 198 -39.96 3.09 -25.45
C PHE E 198 -39.30 2.96 -26.81
N PHE E 199 -40.01 3.30 -27.89
CA PHE E 199 -39.51 3.06 -29.24
C PHE E 199 -38.22 3.82 -29.56
N PRO E 200 -38.12 5.13 -29.34
CA PRO E 200 -36.82 5.79 -29.57
C PRO E 200 -35.71 5.27 -28.67
N ALA E 201 -36.03 4.89 -27.44
CA ALA E 201 -35.01 4.37 -26.53
C ALA E 201 -34.61 2.95 -26.92
N MET E 202 -35.52 2.20 -27.54
CA MET E 202 -35.22 0.84 -27.97
C MET E 202 -34.09 0.82 -28.99
N LEU E 203 -34.13 1.73 -29.96
CA LEU E 203 -33.15 1.71 -31.04
C LEU E 203 -31.75 2.01 -30.53
N LEU E 204 -31.64 2.68 -29.39
CA LEU E 204 -30.32 2.97 -28.82
C LEU E 204 -29.72 1.73 -28.19
N PHE E 205 -30.52 0.93 -27.49
CA PHE E 205 -30.00 -0.26 -26.83
C PHE E 205 -29.42 -1.25 -27.83
N VAL E 206 -30.14 -1.50 -28.93
CA VAL E 206 -29.67 -2.43 -29.93
C VAL E 206 -28.45 -1.87 -30.66
N PHE E 207 -28.44 -0.56 -30.91
CA PHE E 207 -27.36 0.07 -31.65
C PHE E 207 -26.02 -0.01 -30.94
N PHE E 208 -26.03 -0.18 -29.62
CA PHE E 208 -24.77 -0.23 -28.87
C PHE E 208 -24.18 -1.64 -28.84
N TYR E 209 -25.03 -2.66 -28.70
CA TYR E 209 -24.51 -4.02 -28.57
C TYR E 209 -24.17 -4.63 -29.92
N CYS E 210 -24.63 -4.03 -31.02
CA CYS E 210 -24.19 -4.49 -32.32
C CYS E 210 -22.78 -4.02 -32.64
N ASP E 211 -22.45 -2.78 -32.24
CA ASP E 211 -21.09 -2.28 -32.43
C ASP E 211 -20.10 -3.03 -31.56
N MET E 212 -20.48 -3.34 -30.32
CA MET E 212 -19.56 -4.03 -29.42
C MET E 212 -19.27 -5.44 -29.91
N LEU E 213 -20.15 -6.01 -30.74
CA LEU E 213 -19.86 -7.29 -31.36
C LEU E 213 -18.86 -7.15 -32.50
N LYS E 214 -18.92 -6.03 -33.22
CA LYS E 214 -17.96 -5.79 -34.30
C LYS E 214 -16.55 -5.66 -33.75
N ILE E 215 -16.39 -4.94 -32.64
CA ILE E 215 -15.07 -4.77 -32.04
C ILE E 215 -14.58 -6.08 -31.41
N ALA E 216 -15.47 -6.76 -30.69
CA ALA E 216 -15.05 -7.98 -29.99
C ALA E 216 -14.66 -9.09 -30.96
N SER E 217 -15.37 -9.20 -32.08
CA SER E 217 -15.06 -10.26 -33.04
C SER E 217 -13.74 -9.99 -33.75
N MET E 218 -13.36 -8.71 -33.87
CA MET E 218 -12.09 -8.39 -34.52
C MET E 218 -10.90 -8.80 -33.66
N HIS E 219 -11.02 -8.64 -32.34
CA HIS E 219 -9.90 -8.96 -31.45
C HIS E 219 -9.64 -10.46 -31.41
N SER E 220 -10.69 -11.27 -31.40
CA SER E 220 -10.51 -12.72 -31.28
C SER E 220 -9.82 -13.30 -32.51
N GLN E 221 -9.98 -12.65 -33.67
CA GLN E 221 -9.33 -13.13 -34.89
C GLN E 221 -7.82 -12.99 -34.77
N GLN E 222 -7.34 -11.88 -34.21
CA GLN E 222 -5.91 -11.66 -34.06
C GLN E 222 -5.29 -12.67 -33.11
N ILE E 223 -6.01 -13.03 -32.04
CA ILE E 223 -5.51 -14.00 -31.07
C ILE E 223 -5.30 -15.35 -31.72
N ARG E 224 -6.25 -15.79 -32.55
CA ARG E 224 -6.14 -17.09 -33.21
C ARG E 224 -4.93 -17.13 -34.13
N LYS E 225 -4.64 -16.03 -34.83
CA LYS E 225 -3.55 -16.03 -35.80
C LYS E 225 -2.20 -16.24 -35.13
N MET E 226 -1.97 -15.61 -33.97
CA MET E 226 -0.71 -15.77 -33.27
C MET E 226 -0.56 -17.15 -32.64
N GLU E 227 -1.65 -17.75 -32.19
CA GLU E 227 -1.62 -19.08 -31.60
C GLU E 227 -1.29 -20.17 -32.62
N HIS E 228 -1.53 -19.91 -33.89
CA HIS E 228 -1.18 -20.84 -34.96
C HIS E 228 0.31 -20.85 -35.26
N ALA E 229 1.05 -19.82 -34.84
CA ALA E 229 2.49 -19.76 -35.02
C ALA E 229 3.27 -20.35 -33.86
N GLY E 230 2.62 -20.60 -32.72
CA GLY E 230 3.25 -21.27 -31.60
C GLY E 230 2.86 -22.73 -31.54
N ALA E 231 2.25 -23.22 -32.61
CA ALA E 231 1.82 -24.62 -32.69
C ALA E 231 2.52 -25.32 -33.85
N MET E 232 2.67 -24.62 -34.98
CA MET E 232 3.37 -25.19 -36.12
C MET E 232 4.85 -25.40 -35.82
N ALA E 233 5.39 -24.63 -34.88
CA ALA E 233 6.79 -24.75 -34.50
C ALA E 233 6.99 -25.86 -33.48
N PRO E 242 -17.04 -20.88 -30.27
CA PRO E 242 -16.30 -20.86 -29.01
C PRO E 242 -16.51 -19.56 -28.24
N SER E 243 -15.43 -18.78 -28.08
CA SER E 243 -15.54 -17.52 -27.35
C SER E 243 -16.44 -16.53 -28.10
N ASP E 244 -16.29 -16.44 -29.42
CA ASP E 244 -17.15 -15.56 -30.21
C ASP E 244 -18.58 -16.09 -30.26
N PHE E 245 -18.74 -17.41 -30.38
CA PHE E 245 -20.08 -17.99 -30.26
C PHE E 245 -20.62 -17.82 -28.84
N LYS E 246 -19.77 -17.48 -27.88
CA LYS E 246 -20.26 -17.04 -26.57
C LYS E 246 -20.49 -15.53 -26.57
N ALA E 247 -19.77 -14.80 -27.42
CA ALA E 247 -19.97 -13.37 -27.52
C ALA E 247 -21.32 -13.04 -28.14
N LEU E 248 -21.83 -13.93 -28.98
CA LEU E 248 -23.11 -13.68 -29.63
C LEU E 248 -24.25 -14.39 -28.90
N ARG E 249 -23.92 -15.32 -28.01
CA ARG E 249 -24.95 -15.99 -27.22
C ARG E 249 -25.14 -15.36 -25.84
N THR E 250 -24.40 -14.29 -25.54
CA THR E 250 -24.66 -13.47 -24.36
C THR E 250 -25.51 -12.26 -24.68
N VAL E 251 -25.21 -11.58 -25.79
CA VAL E 251 -26.02 -10.44 -26.22
C VAL E 251 -27.44 -10.89 -26.57
N SER E 252 -27.62 -12.16 -26.93
CA SER E 252 -28.97 -12.67 -27.18
C SER E 252 -29.82 -12.65 -25.92
N VAL E 253 -29.21 -12.94 -24.77
CA VAL E 253 -29.95 -12.94 -23.52
C VAL E 253 -30.37 -11.53 -23.13
N LEU E 254 -29.45 -10.57 -23.24
CA LEU E 254 -29.71 -9.22 -22.75
C LEU E 254 -30.81 -8.53 -23.56
N ILE E 255 -30.88 -8.80 -24.87
CA ILE E 255 -31.92 -8.21 -25.70
C ILE E 255 -33.11 -9.15 -25.73
N GLY E 256 -33.12 -10.14 -24.85
CA GLY E 256 -34.26 -11.02 -24.71
C GLY E 256 -35.01 -10.76 -23.42
N SER E 257 -34.27 -10.33 -22.39
CA SER E 257 -34.83 -9.98 -21.10
C SER E 257 -35.15 -8.49 -20.96
N PHE E 258 -34.96 -7.72 -22.04
CA PHE E 258 -35.27 -6.29 -22.04
C PHE E 258 -36.32 -5.91 -23.07
N ALA E 259 -36.32 -6.55 -24.24
CA ALA E 259 -37.32 -6.27 -25.26
C ALA E 259 -38.71 -6.67 -24.78
N LEU E 260 -38.82 -7.78 -24.07
CA LEU E 260 -40.10 -8.28 -23.59
C LEU E 260 -40.50 -7.68 -22.25
N SER E 261 -39.82 -6.61 -21.82
CA SER E 261 -40.19 -5.94 -20.58
C SER E 261 -41.44 -5.09 -20.76
N TRP E 262 -41.45 -4.23 -21.79
CA TRP E 262 -42.55 -3.28 -21.96
C TRP E 262 -43.58 -3.75 -22.97
N THR E 263 -43.20 -4.63 -23.90
CA THR E 263 -44.07 -5.02 -24.99
C THR E 263 -45.38 -5.67 -24.54
N PRO E 264 -45.39 -6.63 -23.61
CA PRO E 264 -46.68 -7.22 -23.20
C PRO E 264 -47.64 -6.21 -22.61
N PHE E 265 -47.13 -5.20 -21.91
CA PHE E 265 -48.01 -4.17 -21.36
C PHE E 265 -48.59 -3.29 -22.46
N LEU E 266 -47.83 -3.07 -23.52
CA LEU E 266 -48.38 -2.38 -24.68
C LEU E 266 -49.33 -3.29 -25.45
N ILE E 267 -49.07 -4.61 -25.43
CA ILE E 267 -49.92 -5.55 -26.16
C ILE E 267 -51.34 -5.51 -25.62
N THR E 268 -51.49 -5.52 -24.29
CA THR E 268 -52.83 -5.38 -23.71
C THR E 268 -53.35 -3.96 -23.87
N GLY E 269 -52.46 -2.99 -24.05
CA GLY E 269 -52.90 -1.63 -24.33
C GLY E 269 -53.63 -1.51 -25.65
N ILE E 270 -53.10 -2.17 -26.68
CA ILE E 270 -53.76 -2.16 -27.98
C ILE E 270 -55.05 -2.97 -27.93
N VAL E 271 -55.10 -3.99 -27.07
CA VAL E 271 -56.31 -4.78 -26.93
C VAL E 271 -57.39 -3.97 -26.21
N GLN E 272 -57.01 -3.20 -25.20
CA GLN E 272 -57.97 -2.48 -24.37
C GLN E 272 -58.54 -1.24 -25.05
N VAL E 273 -58.00 -0.81 -26.18
CA VAL E 273 -58.52 0.36 -26.87
C VAL E 273 -59.42 -0.06 -28.03
N GLU E 285 -54.30 -10.76 -20.58
CA GLU E 285 -54.43 -9.60 -19.68
C GLU E 285 -53.69 -9.84 -18.38
N ARG E 286 -54.31 -10.62 -17.48
CA ARG E 286 -53.67 -10.94 -16.20
C ARG E 286 -52.42 -11.77 -16.42
N TYR E 287 -52.44 -12.67 -17.41
CA TYR E 287 -51.27 -13.46 -17.72
C TYR E 287 -50.11 -12.58 -18.19
N LEU E 288 -50.42 -11.56 -19.00
CA LEU E 288 -49.37 -10.67 -19.50
C LEU E 288 -48.77 -9.83 -18.36
N TRP E 289 -49.61 -9.38 -17.42
CA TRP E 289 -49.10 -8.57 -16.33
C TRP E 289 -48.12 -9.34 -15.45
N LEU E 290 -48.42 -10.61 -15.19
CA LEU E 290 -47.52 -11.42 -14.35
C LEU E 290 -46.14 -11.55 -14.98
N LEU E 291 -46.08 -11.79 -16.29
CA LEU E 291 -44.79 -11.88 -16.97
C LEU E 291 -44.08 -10.53 -17.01
N GLY E 292 -44.82 -9.44 -17.04
CA GLY E 292 -44.19 -8.12 -17.04
C GLY E 292 -43.41 -7.84 -15.78
N VAL E 293 -44.01 -8.12 -14.62
CA VAL E 293 -43.32 -7.93 -13.36
C VAL E 293 -42.41 -9.11 -13.05
N GLY E 294 -42.60 -10.24 -13.73
CA GLY E 294 -41.67 -11.34 -13.58
C GLY E 294 -40.28 -10.99 -14.07
N ASN E 295 -40.20 -10.12 -15.09
CA ASN E 295 -38.90 -9.66 -15.57
C ASN E 295 -38.16 -8.93 -14.46
N SER E 296 -38.90 -8.22 -13.60
CA SER E 296 -38.27 -7.54 -12.46
C SER E 296 -37.63 -8.54 -11.50
N LEU E 297 -37.97 -9.82 -11.62
CA LEU E 297 -37.27 -10.84 -10.85
C LEU E 297 -36.04 -11.34 -11.60
N LEU E 298 -36.04 -11.25 -12.93
CA LEU E 298 -34.90 -11.71 -13.71
C LEU E 298 -33.73 -10.74 -13.61
N ASN E 299 -34.02 -9.44 -13.54
CA ASN E 299 -32.97 -8.42 -13.52
C ASN E 299 -31.95 -8.59 -12.41
N PRO E 300 -32.33 -8.96 -11.18
CA PRO E 300 -31.29 -9.19 -10.15
C PRO E 300 -30.29 -10.27 -10.52
N LEU E 301 -30.69 -11.29 -11.27
CA LEU E 301 -29.77 -12.36 -11.64
C LEU E 301 -28.80 -11.91 -12.73
N ILE E 302 -29.30 -11.17 -13.73
CA ILE E 302 -28.48 -10.85 -14.89
C ILE E 302 -27.34 -9.91 -14.51
N TYR E 303 -27.66 -8.82 -13.80
CA TYR E 303 -26.67 -7.79 -13.56
C TYR E 303 -25.97 -7.94 -12.22
N ALA E 304 -26.42 -8.88 -11.38
CA ALA E 304 -25.82 -9.07 -10.06
C ALA E 304 -25.44 -10.52 -9.77
N TYR E 305 -25.26 -11.34 -10.80
CA TYR E 305 -24.72 -12.68 -10.62
C TYR E 305 -23.57 -13.00 -11.57
N TRP E 306 -23.50 -12.36 -12.74
CA TRP E 306 -22.37 -12.53 -13.63
C TRP E 306 -21.09 -11.91 -13.07
N GLN E 307 -21.19 -11.11 -12.02
CA GLN E 307 -20.02 -10.48 -11.41
C GLN E 307 -19.39 -11.46 -10.42
N LYS E 308 -18.09 -11.68 -10.58
CA LYS E 308 -17.40 -12.66 -9.74
C LYS E 308 -17.36 -12.22 -8.28
N GLU E 309 -17.10 -10.92 -8.04
CA GLU E 309 -16.93 -10.45 -6.67
C GLU E 309 -18.23 -10.52 -5.87
N VAL E 310 -19.36 -10.21 -6.50
CA VAL E 310 -20.64 -10.22 -5.79
C VAL E 310 -21.01 -11.63 -5.35
N ARG E 311 -20.80 -12.62 -6.23
CA ARG E 311 -21.15 -13.99 -5.88
C ARG E 311 -20.30 -14.52 -4.73
N LEU E 312 -18.99 -14.23 -4.76
CA LEU E 312 -18.08 -14.82 -3.77
C LEU E 312 -18.41 -14.35 -2.36
N GLN E 313 -18.71 -13.07 -2.19
CA GLN E 313 -19.08 -12.57 -0.87
C GLN E 313 -20.38 -13.19 -0.39
N LEU E 314 -21.34 -13.36 -1.30
CA LEU E 314 -22.58 -14.05 -0.94
C LEU E 314 -22.30 -15.49 -0.53
N TYR E 315 -21.41 -16.17 -1.25
CA TYR E 315 -21.04 -17.54 -0.89
C TYR E 315 -20.37 -17.59 0.48
N HIS E 316 -19.45 -16.66 0.74
CA HIS E 316 -18.64 -16.67 1.95
C HIS E 316 -19.36 -16.11 3.17
N MET E 317 -20.49 -15.42 2.98
CA MET E 317 -21.23 -14.87 4.12
C MET E 317 -22.71 -15.20 4.03
N ALA E 318 -23.06 -16.38 3.53
CA ALA E 318 -24.47 -16.79 3.48
C ALA E 318 -24.94 -17.30 4.84
N LEU E 319 -24.30 -18.36 5.35
CA LEU E 319 -24.66 -18.91 6.64
C LEU E 319 -23.44 -19.28 7.48
N GLY E 320 -22.27 -18.73 7.15
CA GLY E 320 -21.05 -19.03 7.88
C GLY E 320 -20.30 -17.79 8.31
N VAL F 2 9.62 35.26 12.01
CA VAL F 2 8.22 35.54 12.29
C VAL F 2 8.03 37.00 12.68
N GLN F 3 7.04 37.64 12.08
CA GLN F 3 6.78 39.05 12.34
C GLN F 3 5.34 39.37 11.97
N LEU F 4 4.68 40.16 12.81
CA LEU F 4 3.33 40.64 12.55
C LEU F 4 3.31 42.15 12.68
N VAL F 5 2.86 42.83 11.62
CA VAL F 5 2.77 44.29 11.60
C VAL F 5 1.35 44.67 11.25
N GLU F 6 0.80 45.64 11.98
CA GLU F 6 -0.57 46.08 11.79
C GLU F 6 -0.61 47.59 11.61
N SER F 7 -1.56 48.05 10.81
CA SER F 7 -1.70 49.47 10.50
C SER F 7 -3.16 49.87 10.60
N GLY F 8 -3.39 51.15 10.88
CA GLY F 8 -4.72 51.71 11.03
C GLY F 8 -4.77 52.60 12.24
N GLY F 9 -5.99 52.91 12.67
CA GLY F 9 -6.19 53.70 13.86
C GLY F 9 -6.10 55.20 13.61
N GLY F 10 -6.32 55.96 14.68
CA GLY F 10 -6.31 57.40 14.61
C GLY F 10 -7.36 58.04 15.48
N LEU F 11 -7.97 59.13 15.00
CA LEU F 11 -9.03 59.82 15.71
C LEU F 11 -10.33 59.68 14.93
N VAL F 12 -11.39 59.24 15.60
CA VAL F 12 -12.67 58.95 14.97
C VAL F 12 -13.78 59.62 15.78
N GLN F 13 -14.63 60.39 15.09
CA GLN F 13 -15.82 60.93 15.71
C GLN F 13 -16.91 59.87 15.76
N PRO F 14 -17.80 59.94 16.74
CA PRO F 14 -18.84 58.90 16.87
C PRO F 14 -19.69 58.80 15.61
N GLY F 15 -20.05 57.56 15.26
CA GLY F 15 -20.81 57.30 14.05
C GLY F 15 -19.97 56.99 12.82
N GLY F 16 -18.65 57.01 12.93
CA GLY F 16 -17.78 56.75 11.79
C GLY F 16 -17.43 55.27 11.65
N SER F 17 -16.56 55.00 10.68
CA SER F 17 -16.10 53.64 10.40
C SER F 17 -14.64 53.68 9.98
N ARG F 18 -13.96 52.55 10.15
CA ARG F 18 -12.55 52.43 9.79
C ARG F 18 -12.30 51.02 9.26
N LYS F 19 -11.02 50.68 9.12
CA LYS F 19 -10.58 49.36 8.68
C LYS F 19 -9.18 49.13 9.21
N LEU F 20 -8.94 47.95 9.79
CA LEU F 20 -7.64 47.59 10.32
C LEU F 20 -7.08 46.40 9.55
N SER F 21 -5.76 46.41 9.35
CA SER F 21 -5.08 45.37 8.60
C SER F 21 -3.97 44.76 9.45
N CYS F 22 -3.87 43.43 9.41
CA CYS F 22 -2.80 42.68 10.07
C CYS F 22 -2.02 41.95 9.00
N SER F 23 -0.80 42.40 8.74
CA SER F 23 0.06 41.82 7.71
C SER F 23 1.04 40.85 8.33
N ALA F 24 1.14 39.66 7.76
CA ALA F 24 1.97 38.59 8.29
C ALA F 24 3.09 38.26 7.30
N SER F 25 4.25 37.91 7.84
CA SER F 25 5.41 37.55 7.01
C SER F 25 6.39 36.76 7.86
N GLY F 26 6.75 35.55 7.41
CA GLY F 26 7.74 34.76 8.09
C GLY F 26 7.29 33.37 8.47
N PHE F 27 6.07 33.01 8.12
CA PHE F 27 5.54 31.68 8.42
C PHE F 27 4.40 31.37 7.47
N ALA F 28 4.00 30.10 7.45
CA ALA F 28 2.89 29.66 6.61
C ALA F 28 1.59 30.23 7.15
N PHE F 29 1.04 31.22 6.44
CA PHE F 29 -0.15 31.91 6.89
C PHE F 29 -1.43 31.11 6.67
N SER F 30 -1.39 30.11 5.78
CA SER F 30 -2.60 29.42 5.37
C SER F 30 -2.99 28.25 6.27
N SER F 31 -2.25 28.03 7.37
CA SER F 31 -2.53 26.90 8.26
C SER F 31 -2.83 27.34 9.69
N PHE F 32 -2.99 28.63 9.95
CA PHE F 32 -3.19 29.15 11.29
C PHE F 32 -4.52 29.88 11.41
N GLY F 33 -5.17 29.73 12.56
CA GLY F 33 -6.28 30.60 12.91
C GLY F 33 -5.78 31.89 13.52
N MET F 34 -6.65 32.90 13.52
CA MET F 34 -6.29 34.23 14.00
C MET F 34 -7.31 34.72 15.02
N HIS F 35 -6.85 35.60 15.91
CA HIS F 35 -7.67 36.17 16.96
C HIS F 35 -7.43 37.67 17.05
N TRP F 36 -8.43 38.39 17.56
CA TRP F 36 -8.32 39.81 17.86
C TRP F 36 -8.58 40.01 19.35
N VAL F 37 -7.66 40.67 20.03
CA VAL F 37 -7.75 40.91 21.47
C VAL F 37 -7.53 42.40 21.72
N ARG F 38 -8.39 42.99 22.56
CA ARG F 38 -8.33 44.40 22.88
C ARG F 38 -8.02 44.59 24.36
N GLN F 39 -7.30 45.67 24.67
CA GLN F 39 -6.93 46.00 26.04
C GLN F 39 -7.41 47.41 26.35
N ALA F 40 -8.22 47.54 27.40
CA ALA F 40 -8.67 48.84 27.83
C ALA F 40 -7.52 49.61 28.49
N PRO F 41 -7.55 50.95 28.46
CA PRO F 41 -6.47 51.72 29.08
C PRO F 41 -6.48 51.69 30.60
N GLU F 42 -7.51 51.12 31.23
CA GLU F 42 -7.55 51.02 32.68
C GLU F 42 -8.03 49.66 33.15
N LYS F 43 -8.11 48.66 32.27
CA LYS F 43 -8.61 47.34 32.63
C LYS F 43 -7.70 46.30 31.98
N GLY F 44 -8.12 45.03 32.05
CA GLY F 44 -7.37 43.93 31.50
C GLY F 44 -7.72 43.64 30.06
N LEU F 45 -7.25 42.49 29.58
CA LEU F 45 -7.49 42.08 28.21
C LEU F 45 -8.93 41.64 28.02
N GLU F 46 -9.38 41.70 26.77
CA GLU F 46 -10.74 41.34 26.42
C GLU F 46 -10.77 40.69 25.05
N TRP F 47 -11.58 39.66 24.90
CA TRP F 47 -11.71 38.95 23.64
C TRP F 47 -12.66 39.67 22.70
N VAL F 48 -12.39 39.58 21.39
CA VAL F 48 -13.17 40.30 20.40
C VAL F 48 -13.77 39.36 19.36
N ALA F 49 -12.92 38.66 18.61
CA ALA F 49 -13.41 37.84 17.50
C ALA F 49 -12.38 36.78 17.14
N TYR F 50 -12.84 35.78 16.40
CA TYR F 50 -12.01 34.66 15.98
C TYR F 50 -12.45 34.18 14.61
N ILE F 51 -11.49 33.92 13.74
CA ILE F 51 -11.74 33.36 12.42
C ILE F 51 -10.88 32.12 12.23
N SER F 52 -11.50 31.03 11.79
CA SER F 52 -10.82 29.74 11.72
C SER F 52 -9.94 29.67 10.47
N SER F 53 -9.38 28.48 10.24
CA SER F 53 -8.58 28.22 9.05
C SER F 53 -9.48 27.72 7.94
N GLY F 54 -9.36 28.32 6.77
CA GLY F 54 -10.28 28.05 5.68
C GLY F 54 -11.60 28.78 5.79
N SER F 55 -11.75 29.68 6.76
CA SER F 55 -12.97 30.48 6.94
C SER F 55 -14.21 29.60 7.07
N GLY F 56 -14.07 28.49 7.79
CA GLY F 56 -15.16 27.57 8.02
C GLY F 56 -15.89 27.74 9.34
N THR F 57 -15.45 28.67 10.19
CA THR F 57 -16.10 28.88 11.48
C THR F 57 -15.72 30.27 11.99
N ILE F 58 -16.71 31.03 12.42
CA ILE F 58 -16.52 32.39 12.93
C ILE F 58 -17.32 32.53 14.22
N TYR F 59 -16.72 33.16 15.23
CA TYR F 59 -17.37 33.41 16.49
C TYR F 59 -17.15 34.85 16.92
N TYR F 60 -18.07 35.35 17.73
CA TYR F 60 -17.98 36.71 18.28
C TYR F 60 -18.34 36.66 19.75
N ALA F 61 -17.82 37.61 20.52
CA ALA F 61 -18.30 37.82 21.87
C ALA F 61 -19.68 38.47 21.82
N ASP F 62 -20.26 38.75 22.98
CA ASP F 62 -21.52 39.48 23.00
C ASP F 62 -21.31 40.80 23.75
N THR F 63 -20.65 41.73 23.05
CA THR F 63 -20.84 43.16 23.25
C THR F 63 -20.72 43.92 21.93
N VAL F 64 -20.36 43.25 20.84
CA VAL F 64 -20.12 43.89 19.55
C VAL F 64 -21.04 43.32 18.48
N LYS F 65 -21.32 42.02 18.52
CA LYS F 65 -22.03 41.28 17.48
C LYS F 65 -23.20 42.06 16.92
N GLY F 66 -23.21 42.21 15.60
CA GLY F 66 -24.19 43.01 14.90
C GLY F 66 -23.61 44.22 14.19
N ARG F 67 -22.38 44.61 14.51
CA ARG F 67 -21.74 45.76 13.87
C ARG F 67 -20.28 45.52 13.51
N PHE F 68 -19.72 44.35 13.80
CA PHE F 68 -18.34 44.05 13.48
C PHE F 68 -18.27 42.90 12.48
N THR F 69 -17.21 42.88 11.68
CA THR F 69 -17.02 41.84 10.67
C THR F 69 -15.53 41.53 10.57
N ILE F 70 -15.21 40.26 10.37
CA ILE F 70 -13.83 39.79 10.27
C ILE F 70 -13.67 39.00 8.98
N SER F 71 -12.51 39.15 8.35
CA SER F 71 -12.26 38.50 7.07
C SER F 71 -10.77 38.31 6.89
N ARG F 72 -10.41 37.44 5.94
CA ARG F 72 -9.02 37.12 5.65
C ARG F 72 -8.85 36.91 4.15
N ASP F 73 -7.61 37.03 3.70
CA ASP F 73 -7.25 36.83 2.29
C ASP F 73 -5.90 36.13 2.25
N ASP F 74 -5.92 34.83 1.96
CA ASP F 74 -4.70 34.03 2.02
C ASP F 74 -3.62 34.46 1.04
N PRO F 75 -3.90 34.68 -0.26
CA PRO F 75 -2.79 34.94 -1.20
C PRO F 75 -1.97 36.18 -0.86
N LYS F 76 -2.59 37.22 -0.31
CA LYS F 76 -1.88 38.45 0.01
C LYS F 76 -1.38 38.50 1.45
N ASN F 77 -1.72 37.51 2.28
CA ASN F 77 -1.28 37.44 3.67
C ASN F 77 -1.70 38.69 4.44
N THR F 78 -3.02 38.90 4.52
CA THR F 78 -3.58 40.05 5.19
C THR F 78 -4.81 39.65 5.99
N LEU F 79 -5.02 40.32 7.12
CA LEU F 79 -6.18 40.10 7.98
C LEU F 79 -6.91 41.43 8.15
N PHE F 80 -8.23 41.42 7.99
CA PHE F 80 -9.02 42.63 7.98
C PHE F 80 -10.04 42.62 9.11
N LEU F 81 -10.43 43.82 9.55
CA LEU F 81 -11.49 44.00 10.53
C LEU F 81 -12.29 45.24 10.16
N GLN F 82 -13.57 45.05 9.85
CA GLN F 82 -14.45 46.13 9.45
C GLN F 82 -15.37 46.51 10.60
N MET F 83 -15.50 47.81 10.87
CA MET F 83 -16.28 48.31 11.99
C MET F 83 -17.42 49.19 11.49
N THR F 84 -18.58 49.05 12.11
CA THR F 84 -19.71 49.94 11.89
C THR F 84 -19.59 51.06 12.94
N SER F 85 -20.56 51.98 12.98
CA SER F 85 -20.50 53.11 13.91
C SER F 85 -20.21 52.64 15.33
N LEU F 86 -19.24 53.30 15.97
CA LEU F 86 -18.72 52.89 17.27
C LEU F 86 -19.16 53.85 18.36
N ARG F 87 -19.22 53.33 19.58
CA ARG F 87 -19.59 54.13 20.75
C ARG F 87 -18.33 54.72 21.39
N SER F 88 -18.47 55.28 22.59
CA SER F 88 -17.36 55.89 23.29
C SER F 88 -16.58 54.89 24.13
N GLU F 89 -17.00 53.63 24.18
CA GLU F 89 -16.34 52.61 24.99
C GLU F 89 -15.34 51.77 24.20
N ASP F 90 -15.10 52.11 22.93
CA ASP F 90 -14.21 51.33 22.08
C ASP F 90 -12.78 51.85 22.06
N THR F 91 -12.45 52.80 22.93
CA THR F 91 -11.09 53.36 22.98
C THR F 91 -10.18 52.32 23.61
N ALA F 92 -9.49 51.56 22.75
CA ALA F 92 -8.61 50.50 23.22
C ALA F 92 -7.57 50.19 22.14
N MET F 93 -6.51 49.50 22.53
CA MET F 93 -5.45 49.07 21.64
C MET F 93 -5.64 47.60 21.30
N TYR F 94 -5.59 47.27 20.01
CA TYR F 94 -5.89 45.93 19.54
C TYR F 94 -4.59 45.17 19.25
N TYR F 95 -4.69 43.84 19.27
CA TYR F 95 -3.56 42.97 19.05
C TYR F 95 -3.91 41.90 18.03
N CYS F 96 -2.89 41.24 17.51
CA CYS F 96 -3.03 40.20 16.50
C CYS F 96 -2.33 38.94 17.00
N VAL F 97 -3.05 37.82 17.05
CA VAL F 97 -2.54 36.59 17.62
C VAL F 97 -2.72 35.45 16.63
N ARG F 98 -1.96 34.38 16.83
CA ARG F 98 -2.02 33.20 16.00
C ARG F 98 -2.16 31.96 16.88
N SER F 99 -2.72 30.90 16.32
CA SER F 99 -2.90 29.65 17.06
C SER F 99 -3.15 28.51 16.09
N ILE F 100 -2.54 27.36 16.35
CA ILE F 100 -2.70 26.15 15.55
C ILE F 100 -3.14 25.02 16.48
N TYR F 101 -4.14 24.26 16.05
CA TYR F 101 -4.75 23.23 16.88
C TYR F 101 -4.53 21.86 16.26
N TYR F 102 -3.71 21.04 16.93
CA TYR F 102 -3.64 19.61 16.67
C TYR F 102 -3.09 18.96 17.93
N TYR F 103 -3.07 17.62 17.94
CA TYR F 103 -2.69 16.90 19.15
C TYR F 103 -1.25 17.19 19.56
N GLY F 104 -1.08 17.90 20.67
CA GLY F 104 0.23 18.24 21.18
C GLY F 104 0.75 19.60 20.76
N SER F 105 -0.10 20.46 20.21
CA SER F 105 0.34 21.77 19.73
C SER F 105 0.47 22.74 20.91
N SER F 106 0.65 24.02 20.60
CA SER F 106 0.81 25.06 21.61
C SER F 106 0.16 26.35 21.14
N PRO F 107 -1.14 26.51 21.40
CA PRO F 107 -1.83 27.73 20.96
C PRO F 107 -1.38 28.96 21.74
N PHE F 108 -1.66 30.11 21.15
CA PHE F 108 -1.40 31.42 21.78
C PHE F 108 0.09 31.59 22.09
N ASP F 109 0.90 31.56 21.03
CA ASP F 109 2.35 31.62 21.19
C ASP F 109 2.96 32.95 20.78
N PHE F 110 2.48 33.58 19.70
CA PHE F 110 3.04 34.82 19.19
C PHE F 110 1.96 35.89 19.14
N TRP F 111 2.33 37.11 19.55
CA TRP F 111 1.41 38.24 19.60
C TRP F 111 1.88 39.34 18.65
N GLY F 112 1.08 40.38 18.55
CA GLY F 112 1.31 41.49 17.63
C GLY F 112 2.08 42.63 18.25
N GLN F 113 1.81 43.84 17.75
CA GLN F 113 2.50 45.04 18.19
C GLN F 113 1.60 46.03 18.91
N GLY F 114 0.49 46.43 18.29
CA GLY F 114 -0.44 47.37 18.90
C GLY F 114 -0.91 48.42 17.91
N THR F 115 -2.07 49.00 18.20
CA THR F 115 -2.67 50.01 17.34
C THR F 115 -3.58 50.90 18.17
N THR F 116 -3.37 52.21 18.10
CA THR F 116 -4.17 53.17 18.86
C THR F 116 -5.34 53.63 18.00
N LEU F 117 -6.56 53.47 18.54
CA LEU F 117 -7.79 53.85 17.81
C LEU F 117 -8.64 54.75 18.71
N THR F 118 -8.04 55.82 19.25
CA THR F 118 -8.74 56.75 20.13
C THR F 118 -9.97 57.32 19.44
N VAL F 119 -11.10 57.33 20.15
CA VAL F 119 -12.37 57.83 19.63
C VAL F 119 -12.79 59.12 20.33
N SER F 120 -12.79 59.14 21.65
CA SER F 120 -13.17 60.31 22.41
C SER F 120 -11.99 61.28 22.57
N ASP F 137 -21.43 31.86 32.04
CA ASP F 137 -20.08 32.33 31.81
C ASP F 137 -19.19 32.06 33.03
N ILE F 138 -18.02 31.48 32.78
CA ILE F 138 -17.09 31.15 33.85
C ILE F 138 -16.39 32.42 34.31
N VAL F 139 -16.30 32.61 35.62
CA VAL F 139 -15.71 33.80 36.21
C VAL F 139 -14.40 33.40 36.90
N MET F 140 -13.31 34.05 36.51
CA MET F 140 -12.00 33.83 37.11
C MET F 140 -11.62 35.08 37.90
N THR F 141 -11.18 34.89 39.14
CA THR F 141 -10.94 36.01 40.06
C THR F 141 -9.50 35.96 40.56
N GLN F 142 -8.78 37.07 40.39
CA GLN F 142 -7.50 37.31 41.00
C GLN F 142 -7.64 38.46 42.01
N ALA F 143 -6.72 38.54 42.97
CA ALA F 143 -6.88 39.55 44.00
C ALA F 143 -5.56 39.77 44.74
N THR F 144 -5.53 40.83 45.55
CA THR F 144 -4.54 41.17 46.56
C THR F 144 -3.22 41.70 45.98
N SER F 145 -3.05 41.70 44.67
CA SER F 145 -1.84 42.22 44.03
C SER F 145 -0.62 41.54 44.67
N SER F 146 0.47 42.28 44.81
CA SER F 146 1.65 41.78 45.53
C SER F 146 2.55 42.92 45.98
N VAL F 147 3.13 42.78 47.17
CA VAL F 147 4.07 43.76 47.72
C VAL F 147 5.38 43.65 46.94
N PRO F 148 6.24 44.67 46.96
CA PRO F 148 7.54 44.54 46.30
C PRO F 148 8.35 43.37 46.87
N VAL F 149 9.07 42.70 45.97
CA VAL F 149 9.82 41.50 46.33
C VAL F 149 11.29 41.73 46.01
N THR F 150 12.14 41.55 47.02
CA THR F 150 13.58 41.62 46.79
C THR F 150 14.04 40.37 46.04
N PRO F 151 15.00 40.48 45.13
CA PRO F 151 15.46 39.29 44.39
C PRO F 151 16.03 38.24 45.33
N GLY F 152 15.79 36.98 44.99
CA GLY F 152 16.27 35.87 45.78
C GLY F 152 15.28 35.26 46.76
N GLU F 153 13.99 35.51 46.59
CA GLU F 153 12.96 35.00 47.49
C GLU F 153 12.02 34.09 46.71
N SER F 154 10.96 33.64 47.39
CA SER F 154 9.96 32.76 46.80
C SER F 154 8.61 33.48 46.77
N VAL F 155 7.96 33.46 45.62
CA VAL F 155 6.68 34.14 45.42
C VAL F 155 5.68 33.13 44.87
N SER F 156 4.44 33.23 45.34
CA SER F 156 3.36 32.34 44.90
C SER F 156 2.17 33.18 44.46
N ILE F 157 1.60 32.83 43.31
CA ILE F 157 0.43 33.50 42.76
C ILE F 157 -0.66 32.47 42.51
N SER F 158 -1.89 32.79 42.90
CA SER F 158 -3.01 31.87 42.79
C SER F 158 -4.17 32.52 42.06
N CYS F 159 -4.80 31.76 41.17
CA CYS F 159 -5.98 32.20 40.43
C CYS F 159 -7.13 31.25 40.74
N ARG F 160 -8.28 31.80 41.10
CA ARG F 160 -9.43 31.02 41.53
C ARG F 160 -10.49 30.98 40.43
N SER F 161 -11.01 29.79 40.17
CA SER F 161 -12.07 29.57 39.19
C SER F 161 -13.40 29.40 39.91
N SER F 162 -14.44 29.09 39.11
CA SER F 162 -15.78 28.87 39.64
C SER F 162 -16.43 27.61 39.09
N LYS F 163 -15.69 26.77 38.38
CA LYS F 163 -16.24 25.56 37.80
C LYS F 163 -15.10 24.58 37.55
N SER F 164 -15.44 23.30 37.50
CA SER F 164 -14.45 22.27 37.23
C SER F 164 -13.90 22.42 35.82
N LEU F 165 -12.59 22.20 35.67
CA LEU F 165 -11.92 22.35 34.38
C LEU F 165 -11.29 21.05 33.90
N LEU F 166 -11.83 19.90 34.31
CA LEU F 166 -11.37 18.60 33.86
C LEU F 166 -12.43 18.02 32.93
N HIS F 167 -12.08 17.86 31.66
CA HIS F 167 -13.06 17.44 30.66
C HIS F 167 -13.08 15.91 30.48
N SER F 168 -13.19 15.20 31.59
CA SER F 168 -13.44 13.75 31.58
C SER F 168 -12.41 12.95 30.81
N ASN F 169 -11.28 13.58 30.43
CA ASN F 169 -10.25 12.89 29.66
C ASN F 169 -8.84 13.23 30.15
N GLY F 170 -8.71 13.82 31.34
CA GLY F 170 -7.43 14.11 31.93
C GLY F 170 -6.79 15.40 31.49
N ASN F 171 -7.50 16.25 30.75
CA ASN F 171 -6.96 17.53 30.30
C ASN F 171 -7.57 18.66 31.12
N THR F 172 -6.71 19.50 31.69
CA THR F 172 -7.12 20.70 32.41
C THR F 172 -6.62 21.90 31.63
N TYR F 173 -7.52 22.80 31.26
CA TYR F 173 -7.21 23.93 30.41
C TYR F 173 -7.01 25.18 31.27
N LEU F 174 -5.78 25.66 31.34
CA LEU F 174 -5.45 26.88 32.06
C LEU F 174 -4.10 27.37 31.58
N TYR F 175 -4.07 28.58 31.03
CA TYR F 175 -2.84 29.17 30.50
C TYR F 175 -2.42 30.36 31.36
N TRP F 176 -1.12 30.65 31.34
CA TRP F 176 -0.56 31.78 32.07
C TRP F 176 0.22 32.67 31.12
N PHE F 177 0.06 33.99 31.30
CA PHE F 177 0.71 34.97 30.45
C PHE F 177 1.43 36.01 31.31
N LEU F 178 2.44 36.63 30.73
CA LEU F 178 3.19 37.70 31.39
C LEU F 178 3.38 38.86 30.42
N GLN F 179 3.14 40.07 30.90
CA GLN F 179 3.27 41.28 30.11
C GLN F 179 4.33 42.18 30.75
N ARG F 180 5.50 42.26 30.14
CA ARG F 180 6.52 43.18 30.60
C ARG F 180 6.10 44.62 30.33
N PRO F 181 6.53 45.57 31.16
CA PRO F 181 6.11 46.96 30.96
C PRO F 181 6.64 47.52 29.65
N GLY F 182 5.74 48.10 28.86
CA GLY F 182 6.13 48.67 27.58
C GLY F 182 6.31 47.68 26.46
N GLN F 183 5.79 46.45 26.60
CA GLN F 183 5.93 45.42 25.58
C GLN F 183 4.61 44.68 25.46
N SER F 184 4.65 43.54 24.75
CA SER F 184 3.53 42.66 24.43
C SER F 184 3.54 41.42 25.31
N PRO F 185 2.37 40.84 25.59
CA PRO F 185 2.32 39.65 26.43
C PRO F 185 3.04 38.47 25.81
N GLN F 186 3.54 37.58 26.68
CA GLN F 186 4.27 36.40 26.27
C GLN F 186 3.70 35.17 26.98
N LEU F 187 3.74 34.04 26.28
CA LEU F 187 3.20 32.79 26.81
C LEU F 187 4.23 32.13 27.72
N LEU F 188 3.77 31.62 28.86
CA LEU F 188 4.63 30.96 29.84
C LEU F 188 4.30 29.48 30.00
N ILE F 189 3.06 29.15 30.34
CA ILE F 189 2.66 27.78 30.62
C ILE F 189 1.30 27.53 29.98
N TYR F 190 1.16 26.36 29.35
CA TYR F 190 -0.11 25.95 28.75
C TYR F 190 -0.54 24.62 29.34
N ARG F 191 -1.85 24.49 29.57
CA ARG F 191 -2.46 23.31 30.19
C ARG F 191 -1.92 23.04 31.59
N MET F 192 -1.44 24.09 32.25
CA MET F 192 -1.08 24.14 33.67
C MET F 192 -0.09 23.07 34.09
N SER F 193 0.49 22.33 33.15
CA SER F 193 1.42 21.26 33.49
C SER F 193 2.81 21.47 32.91
N ASN F 194 2.91 21.71 31.60
CA ASN F 194 4.19 21.71 30.91
C ASN F 194 4.56 23.11 30.44
N LEU F 195 5.85 23.40 30.47
CA LEU F 195 6.38 24.71 30.13
C LEU F 195 6.54 24.88 28.63
N ALA F 196 6.44 26.13 28.18
CA ALA F 196 6.59 26.45 26.77
C ALA F 196 8.07 26.56 26.39
N SER F 197 8.31 26.66 25.09
CA SER F 197 9.68 26.73 24.58
C SER F 197 10.26 28.13 24.77
N GLY F 198 11.58 28.19 24.91
CA GLY F 198 12.27 29.45 25.06
C GLY F 198 12.19 30.08 26.43
N VAL F 199 11.58 29.40 27.41
CA VAL F 199 11.41 29.94 28.75
C VAL F 199 12.29 29.15 29.71
N PRO F 200 12.94 29.82 30.67
CA PRO F 200 13.75 29.08 31.65
C PRO F 200 12.90 28.10 32.45
N ASP F 201 13.53 27.01 32.88
CA ASP F 201 12.85 25.92 33.55
C ASP F 201 12.64 26.18 35.05
N ARG F 202 12.70 27.44 35.47
CA ARG F 202 12.50 27.81 36.86
C ARG F 202 11.04 28.10 37.20
N PHE F 203 10.13 27.94 36.24
CA PHE F 203 8.71 28.17 36.47
C PHE F 203 7.98 26.83 36.55
N SER F 204 7.17 26.67 37.58
CA SER F 204 6.37 25.46 37.76
C SER F 204 4.96 25.84 38.17
N GLY F 205 3.99 25.05 37.71
CA GLY F 205 2.60 25.29 38.03
C GLY F 205 1.81 24.02 38.23
N SER F 206 0.98 23.99 39.27
CA SER F 206 0.13 22.84 39.55
C SER F 206 -1.06 23.30 40.37
N GLY F 207 -2.07 22.46 40.46
CA GLY F 207 -3.25 22.77 41.24
C GLY F 207 -4.30 21.70 41.10
N SER F 208 -5.39 21.90 41.86
CA SER F 208 -6.52 20.99 41.85
C SER F 208 -7.46 21.35 40.70
N GLY F 209 -8.66 20.78 40.71
CA GLY F 209 -9.62 21.04 39.65
C GLY F 209 -10.32 22.37 39.73
N THR F 210 -10.18 23.09 40.84
CA THR F 210 -10.81 24.40 40.99
C THR F 210 -9.79 25.43 41.46
N ALA F 211 -8.79 25.00 42.21
CA ALA F 211 -7.75 25.87 42.74
C ALA F 211 -6.46 25.68 41.97
N PHE F 212 -5.76 26.77 41.70
CA PHE F 212 -4.52 26.75 40.93
C PHE F 212 -3.53 27.72 41.55
N THR F 213 -2.25 27.49 41.26
CA THR F 213 -1.20 28.35 41.79
C THR F 213 -0.01 28.34 40.85
N LEU F 214 0.83 29.37 40.98
CA LEU F 214 2.07 29.50 40.23
C LEU F 214 3.22 29.62 41.20
N THR F 215 4.32 28.93 40.90
CA THR F 215 5.49 28.91 41.76
C THR F 215 6.72 29.38 41.00
N ILE F 216 7.43 30.36 41.56
CA ILE F 216 8.69 30.85 41.03
C ILE F 216 9.74 30.73 42.13
N SER F 217 10.89 30.15 41.79
CA SER F 217 11.91 29.85 42.78
C SER F 217 12.90 30.99 42.96
N ARG F 218 13.49 31.48 41.87
CA ARG F 218 14.50 32.52 41.92
C ARG F 218 13.93 33.80 41.31
N LEU F 219 14.08 34.91 42.02
CA LEU F 219 13.58 36.21 41.57
C LEU F 219 14.74 37.01 40.99
N GLU F 220 14.58 37.46 39.75
CA GLU F 220 15.56 38.30 39.07
C GLU F 220 14.97 39.66 38.77
N ALA F 221 15.81 40.54 38.24
CA ALA F 221 15.41 41.90 37.93
C ALA F 221 14.70 42.03 36.59
N GLU F 222 14.55 40.94 35.84
CA GLU F 222 13.90 40.96 34.54
C GLU F 222 12.62 40.13 34.53
N ASP F 223 11.97 39.99 35.68
CA ASP F 223 10.74 39.22 35.82
C ASP F 223 9.67 40.02 36.53
N VAL F 224 9.53 41.30 36.16
CA VAL F 224 8.53 42.19 36.74
C VAL F 224 7.46 42.48 35.69
N GLY F 225 6.21 42.45 36.12
CA GLY F 225 5.11 42.68 35.20
C GLY F 225 3.80 42.26 35.83
N VAL F 226 2.83 41.99 34.96
CA VAL F 226 1.48 41.59 35.36
C VAL F 226 1.20 40.19 34.82
N TYR F 227 0.73 39.31 35.69
CA TYR F 227 0.44 37.92 35.33
C TYR F 227 -1.06 37.71 35.26
N TYR F 228 -1.50 36.99 34.23
CA TYR F 228 -2.91 36.76 33.99
C TYR F 228 -3.19 35.26 33.88
N CYS F 229 -4.39 34.86 34.29
CA CYS F 229 -4.84 33.48 34.18
C CYS F 229 -6.00 33.42 33.19
N MET F 230 -5.91 32.53 32.21
CA MET F 230 -6.91 32.42 31.16
C MET F 230 -7.37 30.97 31.07
N GLN F 231 -8.62 30.78 30.66
CA GLN F 231 -9.22 29.46 30.52
C GLN F 231 -9.71 29.27 29.09
N HIS F 232 -9.55 28.05 28.58
CA HIS F 232 -10.01 27.68 27.24
C HIS F 232 -10.81 26.38 27.34
N LEU F 233 -12.08 26.51 27.72
CA LEU F 233 -13.00 25.37 27.73
C LEU F 233 -14.30 25.66 27.02
N GLU F 234 -14.84 26.87 27.16
CA GLU F 234 -16.01 27.32 26.42
C GLU F 234 -15.62 28.58 25.66
N TYR F 235 -16.07 28.64 24.41
CA TYR F 235 -15.43 29.55 23.47
C TYR F 235 -15.60 31.03 23.80
N PRO F 236 -16.62 31.47 24.55
CA PRO F 236 -16.52 32.83 25.13
C PRO F 236 -15.45 32.84 26.21
N LEU F 237 -14.32 33.45 25.88
CA LEU F 237 -13.10 33.36 26.68
C LEU F 237 -13.07 34.46 27.72
N THR F 238 -12.71 34.10 28.95
CA THR F 238 -12.66 35.05 30.06
C THR F 238 -11.27 35.05 30.66
N PHE F 239 -10.70 36.24 30.81
CA PHE F 239 -9.39 36.41 31.41
C PHE F 239 -9.53 36.71 32.90
N GLY F 240 -8.41 36.99 33.55
CA GLY F 240 -8.36 37.31 34.96
C GLY F 240 -8.33 38.80 35.21
N ALA F 241 -7.76 39.18 36.36
CA ALA F 241 -7.62 40.57 36.74
C ALA F 241 -6.18 41.07 36.75
N GLY F 242 -5.22 40.21 37.05
CA GLY F 242 -3.83 40.57 37.00
C GLY F 242 -3.26 40.92 38.37
N THR F 243 -1.98 40.63 38.53
CA THR F 243 -1.25 40.93 39.77
C THR F 243 0.05 41.61 39.42
N LYS F 244 0.31 42.75 40.04
CA LYS F 244 1.49 43.57 39.75
C LYS F 244 2.58 43.27 40.77
N LEU F 245 3.79 43.02 40.28
CA LEU F 245 4.95 42.78 41.12
C LEU F 245 5.88 43.98 41.05
N GLU F 246 6.18 44.56 42.21
CA GLU F 246 7.06 45.71 42.32
C GLU F 246 8.43 45.27 42.81
N LEU F 247 9.31 46.24 43.04
CA LEU F 247 10.67 45.94 43.51
C LEU F 247 11.03 46.83 44.70
#